data_1AOI
#
_entry.id   1AOI
#
_cell.length_a   106.040
_cell.length_b   181.780
_cell.length_c   110.120
_cell.angle_alpha   90.00
_cell.angle_beta   90.00
_cell.angle_gamma   90.00
#
_symmetry.space_group_name_H-M   'P 21 21 21'
#
loop_
_entity.id
_entity.type
_entity.pdbx_description
1 polymer 'PALINDROMIC 146 BP DNA REPEAT 8/9 FROM HUMAN X-CHROMOSOME ALPHA SATELLITE DNA'
2 polymer 'HISTONE H3'
3 polymer 'HISTONE H4'
4 polymer 'HISTONE H2A'
5 polymer 'HISTONE H2B'
6 non-polymer 'MANGANESE (II) ION'
7 water water
#
loop_
_entity_poly.entity_id
_entity_poly.type
_entity_poly.pdbx_seq_one_letter_code
_entity_poly.pdbx_strand_id
1 'polydeoxyribonucleotide'
;(DA)(DT)(DC)(DA)(DA)(DT)(DA)(DT)(DC)(DC)(DA)(DC)(DC)(DT)(DG)(DC)(DA)(DG)(DA)(DT)
(DT)(DC)(DT)(DA)(DC)(DC)(DA)(DA)(DA)(DA)(DG)(DT)(DG)(DT)(DA)(DT)(DT)(DT)(DG)(DG)
(DA)(DA)(DA)(DC)(DT)(DG)(DC)(DT)(DC)(DC)(DA)(DT)(DC)(DA)(DA)(DA)(DA)(DG)(DG)(DC)
(DA)(DT)(DG)(DT)(DT)(DC)(DA)(DG)(DC)(DT)(DG)(DA)(DA)(DT)(DT)(DC)(DA)(DG)(DC)(DT)
(DG)(DA)(DA)(DC)(DA)(DT)(DG)(DC)(DC)(DT)(DT)(DT)(DT)(DG)(DA)(DT)(DG)(DG)(DA)(DG)
(DC)(DA)(DG)(DT)(DT)(DT)(DC)(DC)(DA)(DA)(DA)(DT)(DA)(DC)(DA)(DC)(DT)(DT)(DT)(DT)
(DG)(DG)(DT)(DA)(DG)(DA)(DA)(DT)(DC)(DT)(DG)(DC)(DA)(DG)(DG)(DT)(DG)(DG)(DA)(DT)
(DA)(DT)(DT)(DG)(DA)(DT)
;
I,J
2 'polypeptide(L)'
;LATKAARKSAPATGGVKKPHRYRPGTVALREIRRYQKSTELLIRKLPFQRLVREIAQDFKTDLRFQSSAVMALQEASEAY
LVALFEDTNLCAIHAKRVTIMPKDIQLARRIRGERA
;
A,E
3 'polypeptide(L)'
;KRHRKVLRDNIQGITKPAIRRLARRGGVKRISGLIYEETRGVLKVFLENVIRDAVTYTEHAKRKTVTAMDVVYALKRQGR
TLYGFGG
;
B,F
4 'polypeptide(L)'
;GKQGGKTRAKAKTRSSRAGLQFPVGRVHRLLRKGNYAERVGAGAPVYLAAVLEYLTAEILELAGNAARDNKKTRIIPRHL
QLAVRNDEELNKLLGRVTIAQGGVLPNIQSVLLPKK
;
C,G
5 'polypeptide(L)'
;KKRRKTRKESYAIYVYKVLKQVHPDTGISSKAMSIMNSFVNDVFERIAGEASRLAHYNKRSTITSREIQTAVRLLLPGEL
AKHAVSEGTKAVTKYTSAK
;
D,H
#
# COMPACT_ATOMS: atom_id res chain seq x y z
N PRO C 19 -41.06 13.62 36.38
CA PRO C 19 -41.03 12.93 35.07
C PRO C 19 -39.81 12.03 34.95
N HIS C 20 -39.84 11.16 33.94
CA HIS C 20 -38.74 10.25 33.69
C HIS C 20 -37.76 10.87 32.74
N ARG C 21 -36.49 10.57 32.97
CA ARG C 21 -35.44 11.12 32.15
C ARG C 21 -34.14 10.33 32.34
N TYR C 22 -33.61 9.83 31.24
CA TYR C 22 -32.36 9.05 31.24
C TYR C 22 -31.13 9.97 31.37
N ARG C 23 -30.10 9.52 32.08
CA ARG C 23 -28.90 10.31 32.31
C ARG C 23 -28.04 10.52 31.07
N PRO C 24 -27.32 11.66 30.99
CA PRO C 24 -26.49 11.89 29.80
C PRO C 24 -25.47 10.78 29.61
N GLY C 25 -25.52 10.19 28.41
CA GLY C 25 -24.62 9.11 28.04
C GLY C 25 -25.26 7.72 28.05
N THR C 26 -26.47 7.61 28.61
CA THR C 26 -27.15 6.31 28.67
C THR C 26 -27.84 5.93 27.38
N VAL C 27 -28.65 6.82 26.85
CA VAL C 27 -29.34 6.57 25.60
C VAL C 27 -28.28 6.33 24.50
N ALA C 28 -27.21 7.15 24.53
CA ALA C 28 -26.11 7.04 23.57
C ALA C 28 -25.54 5.62 23.63
N LEU C 29 -25.36 5.12 24.86
CA LEU C 29 -24.85 3.78 25.09
C LEU C 29 -25.70 2.71 24.40
N ARG C 30 -27.01 2.69 24.63
CA ARG C 30 -27.83 1.67 23.97
C ARG C 30 -27.92 1.86 22.44
N GLU C 31 -27.71 3.07 21.98
CA GLU C 31 -27.70 3.37 20.55
C GLU C 31 -26.47 2.67 19.96
N ILE C 32 -25.36 2.74 20.69
CA ILE C 32 -24.13 2.09 20.26
C ILE C 32 -24.47 0.61 20.16
N ARG C 33 -24.99 0.05 21.24
CA ARG C 33 -25.35 -1.35 21.22
C ARG C 33 -26.23 -1.74 20.02
N ARG C 34 -27.23 -0.90 19.70
CA ARG C 34 -28.14 -1.15 18.57
C ARG C 34 -27.50 -1.06 17.19
N TYR C 35 -26.81 0.05 16.93
CA TYR C 35 -26.19 0.24 15.63
C TYR C 35 -25.06 -0.73 15.38
N GLN C 36 -24.37 -1.14 16.42
CA GLN C 36 -23.30 -2.11 16.24
C GLN C 36 -23.88 -3.47 15.81
N LYS C 37 -25.07 -3.80 16.34
CA LYS C 37 -25.77 -5.04 16.04
C LYS C 37 -26.31 -5.12 14.61
N SER C 38 -26.89 -4.01 14.14
CA SER C 38 -27.46 -3.95 12.80
C SER C 38 -26.41 -3.67 11.72
N THR C 39 -26.86 -3.58 10.46
CA THR C 39 -25.97 -3.31 9.32
C THR C 39 -26.56 -2.37 8.28
N GLU C 40 -27.78 -1.91 8.50
CA GLU C 40 -28.46 -1.00 7.56
C GLU C 40 -27.63 0.26 7.33
N LEU C 41 -27.76 0.88 6.18
CA LEU C 41 -27.00 2.11 5.94
C LEU C 41 -27.54 3.15 6.90
N LEU C 42 -26.85 4.27 7.10
CA LEU C 42 -27.35 5.23 8.08
C LEU C 42 -27.49 6.63 7.57
N ILE C 43 -26.96 6.91 6.39
CA ILE C 43 -27.13 8.24 5.82
C ILE C 43 -28.42 8.13 5.00
N ARG C 44 -29.16 9.22 4.85
CA ARG C 44 -30.36 9.09 4.04
C ARG C 44 -30.00 9.02 2.54
N LYS C 45 -30.49 7.97 1.88
CA LYS C 45 -30.21 7.70 0.46
C LYS C 45 -30.29 8.84 -0.56
N LEU C 46 -31.39 9.58 -0.61
CA LEU C 46 -31.48 10.68 -1.56
C LEU C 46 -30.43 11.76 -1.33
N PRO C 47 -30.27 12.28 -0.10
CA PRO C 47 -29.25 13.31 0.11
C PRO C 47 -27.90 12.82 -0.42
N PHE C 48 -27.56 11.58 -0.08
CA PHE C 48 -26.32 10.98 -0.52
C PHE C 48 -26.27 10.92 -2.06
N GLN C 49 -27.37 10.48 -2.67
CA GLN C 49 -27.53 10.39 -4.11
C GLN C 49 -27.17 11.74 -4.70
N ARG C 50 -27.84 12.76 -4.19
CA ARG C 50 -27.63 14.15 -4.62
C ARG C 50 -26.20 14.63 -4.47
N LEU C 51 -25.59 14.32 -3.33
CA LEU C 51 -24.21 14.70 -3.06
C LEU C 51 -23.23 14.06 -4.04
N VAL C 52 -23.33 12.75 -4.22
CA VAL C 52 -22.49 12.03 -5.18
C VAL C 52 -22.58 12.69 -6.58
N ARG C 53 -23.81 12.88 -7.06
CA ARG C 53 -24.05 13.51 -8.37
C ARG C 53 -23.47 14.91 -8.48
N GLU C 54 -23.60 15.70 -7.40
CA GLU C 54 -23.07 17.06 -7.38
C GLU C 54 -21.57 17.07 -7.59
N ILE C 55 -20.86 16.22 -6.86
CA ILE C 55 -19.40 16.11 -6.96
C ILE C 55 -18.99 15.64 -8.35
N ALA C 56 -19.64 14.58 -8.83
CA ALA C 56 -19.33 14.02 -10.14
C ALA C 56 -19.43 15.04 -11.31
N GLN C 57 -20.42 15.95 -11.23
CA GLN C 57 -20.61 16.99 -12.26
C GLN C 57 -19.33 17.81 -12.50
N ASP C 58 -18.52 17.97 -11.45
CA ASP C 58 -17.26 18.70 -11.53
C ASP C 58 -16.31 17.94 -12.43
N PHE C 59 -16.44 16.62 -12.46
CA PHE C 59 -15.59 15.74 -13.26
C PHE C 59 -15.99 15.54 -14.73
N LYS C 60 -17.28 15.37 -14.96
CA LYS C 60 -17.81 15.22 -16.30
C LYS C 60 -19.31 15.48 -16.24
N THR C 61 -19.81 16.24 -17.20
CA THR C 61 -21.22 16.59 -17.24
C THR C 61 -22.14 15.61 -17.93
N ASP C 62 -23.40 15.70 -17.52
CA ASP C 62 -24.50 14.86 -18.02
C ASP C 62 -24.19 13.40 -17.83
N LEU C 63 -24.17 13.00 -16.56
CA LEU C 63 -23.87 11.63 -16.20
C LEU C 63 -25.01 10.86 -15.55
N ARG C 64 -25.15 9.61 -15.96
CA ARG C 64 -26.16 8.78 -15.34
C ARG C 64 -25.39 7.89 -14.38
N PHE C 65 -26.06 7.50 -13.29
CA PHE C 65 -25.48 6.63 -12.28
C PHE C 65 -26.29 5.36 -12.09
N GLN C 66 -25.65 4.25 -12.37
CA GLN C 66 -26.25 2.96 -12.20
C GLN C 66 -26.70 2.89 -10.72
N SER C 67 -27.91 2.41 -10.46
CA SER C 67 -28.42 2.31 -9.09
C SER C 67 -27.42 1.61 -8.20
N SER C 68 -26.79 0.57 -8.75
CA SER C 68 -25.78 -0.21 -8.03
C SER C 68 -24.47 0.57 -7.77
N ALA C 69 -24.13 1.50 -8.66
CA ALA C 69 -22.92 2.33 -8.48
C ALA C 69 -23.06 3.17 -7.23
N VAL C 70 -24.23 3.80 -7.07
CA VAL C 70 -24.50 4.61 -5.90
C VAL C 70 -24.55 3.81 -4.60
N MET C 71 -25.24 2.67 -4.60
CA MET C 71 -25.27 1.85 -3.41
C MET C 71 -23.82 1.49 -3.03
N ALA C 72 -23.01 1.12 -4.01
CA ALA C 72 -21.60 0.79 -3.76
C ALA C 72 -20.89 1.95 -3.05
N LEU C 73 -20.93 3.14 -3.65
CA LEU C 73 -20.31 4.32 -3.05
C LEU C 73 -20.81 4.56 -1.62
N GLN C 74 -22.10 4.41 -1.38
CA GLN C 74 -22.59 4.60 -0.05
C GLN C 74 -22.06 3.56 0.90
N GLU C 75 -22.05 2.31 0.49
CA GLU C 75 -21.51 1.26 1.33
C GLU C 75 -20.06 1.57 1.69
N ALA C 76 -19.23 1.87 0.69
CA ALA C 76 -17.83 2.19 0.91
C ALA C 76 -17.64 3.39 1.83
N SER C 77 -18.36 4.47 1.56
CA SER C 77 -18.25 5.69 2.37
C SER C 77 -18.57 5.45 3.83
N GLU C 78 -19.72 4.89 4.12
CA GLU C 78 -20.06 4.61 5.50
C GLU C 78 -19.03 3.68 6.14
N ALA C 79 -18.68 2.61 5.47
CA ALA C 79 -17.69 1.67 5.98
C ALA C 79 -16.45 2.46 6.38
N TYR C 80 -16.09 3.43 5.53
CA TYR C 80 -14.94 4.30 5.76
C TYR C 80 -15.09 5.17 6.99
N LEU C 81 -16.20 5.90 7.06
CA LEU C 81 -16.48 6.77 8.19
C LEU C 81 -16.57 6.05 9.51
N VAL C 82 -17.31 4.95 9.56
CA VAL C 82 -17.43 4.20 10.80
C VAL C 82 -16.07 3.89 11.40
N ALA C 83 -15.14 3.38 10.57
CA ALA C 83 -13.77 3.02 11.02
C ALA C 83 -12.96 4.24 11.43
N LEU C 84 -13.12 5.32 10.69
CA LEU C 84 -12.43 6.55 11.05
C LEU C 84 -12.92 6.95 12.45
N PHE C 85 -14.21 6.76 12.72
CA PHE C 85 -14.74 7.07 14.05
C PHE C 85 -14.12 6.12 15.09
N GLU C 86 -13.78 4.90 14.70
CA GLU C 86 -13.15 3.97 15.65
C GLU C 86 -11.82 4.54 16.08
N ASP C 87 -10.96 4.76 15.09
CA ASP C 87 -9.64 5.31 15.36
C ASP C 87 -9.74 6.61 16.12
N THR C 88 -10.61 7.50 15.64
CA THR C 88 -10.84 8.81 16.27
C THR C 88 -11.10 8.63 17.78
N ASN C 89 -11.92 7.63 18.10
CA ASN C 89 -12.25 7.36 19.49
C ASN C 89 -11.02 7.06 20.28
N LEU C 90 -10.18 6.17 19.77
CA LEU C 90 -8.93 5.81 20.43
C LEU C 90 -8.05 7.03 20.70
N CYS C 91 -8.01 7.95 19.76
CA CYS C 91 -7.23 9.16 19.95
C CYS C 91 -7.77 9.96 21.14
N ALA C 92 -9.06 10.22 21.13
CA ALA C 92 -9.70 10.97 22.21
C ALA C 92 -9.43 10.30 23.55
N ILE C 93 -9.62 9.00 23.59
CA ILE C 93 -9.39 8.26 24.80
C ILE C 93 -7.92 8.34 25.17
N HIS C 94 -7.05 8.29 24.16
CA HIS C 94 -5.63 8.37 24.41
C HIS C 94 -5.35 9.64 25.21
N ALA C 95 -6.08 10.69 24.84
CA ALA C 95 -5.94 11.96 25.48
C ALA C 95 -6.85 12.10 26.72
N LYS C 96 -7.11 10.97 27.36
CA LYS C 96 -7.92 10.96 28.57
C LYS C 96 -9.28 11.61 28.39
N ARG C 97 -9.84 11.50 27.20
CA ARG C 97 -11.18 12.06 26.96
C ARG C 97 -12.18 10.96 26.63
N VAL C 98 -13.41 11.40 26.41
CA VAL C 98 -14.54 10.56 26.09
C VAL C 98 -15.30 11.21 24.92
N THR C 99 -15.09 12.51 24.82
CA THR C 99 -15.67 13.34 23.78
C THR C 99 -14.70 13.49 22.61
N ILE C 100 -15.06 12.97 21.44
CA ILE C 100 -14.20 13.10 20.28
C ILE C 100 -14.35 14.50 19.68
N MET C 101 -13.22 15.09 19.29
CA MET C 101 -13.20 16.43 18.71
C MET C 101 -12.44 16.40 17.39
N PRO C 102 -12.41 17.54 16.68
CA PRO C 102 -11.71 17.61 15.39
C PRO C 102 -10.25 17.14 15.51
N LYS C 103 -9.55 17.55 16.59
CA LYS C 103 -8.16 17.15 16.81
C LYS C 103 -8.01 15.64 16.60
N ASP C 104 -8.95 14.88 17.17
CA ASP C 104 -8.95 13.44 17.08
C ASP C 104 -9.10 12.95 15.66
N ILE C 105 -10.04 13.50 14.88
CA ILE C 105 -10.13 13.04 13.49
C ILE C 105 -8.82 13.36 12.76
N GLN C 106 -8.33 14.59 12.90
CA GLN C 106 -7.10 15.03 12.27
C GLN C 106 -5.88 14.18 12.55
N LEU C 107 -5.62 13.90 13.82
CA LEU C 107 -4.50 13.06 14.21
C LEU C 107 -4.63 11.73 13.48
N ALA C 108 -5.77 11.07 13.65
CA ALA C 108 -6.00 9.78 12.99
C ALA C 108 -5.74 9.87 11.47
N ARG C 109 -6.31 10.84 10.79
CA ARG C 109 -6.03 10.95 9.37
C ARG C 109 -4.53 11.09 9.10
N ARG C 110 -3.81 11.87 9.93
CA ARG C 110 -2.35 12.02 9.76
C ARG C 110 -1.62 10.67 9.83
N ILE C 111 -1.82 9.95 10.92
CA ILE C 111 -1.16 8.68 11.10
C ILE C 111 -1.59 7.66 10.05
N ARG C 112 -2.83 7.76 9.58
CA ARG C 112 -3.38 6.90 8.55
C ARG C 112 -2.73 7.12 7.18
N GLY C 113 -2.14 8.30 7.01
CA GLY C 113 -1.48 8.63 5.76
C GLY C 113 -2.30 9.48 4.83
N GLU C 114 -3.48 9.90 5.26
CA GLU C 114 -4.36 10.69 4.41
C GLU C 114 -4.08 12.18 4.53
N ARG C 115 -3.30 12.55 5.54
CA ARG C 115 -2.94 13.95 5.80
C ARG C 115 -1.42 14.11 5.96
N ALA C 116 -0.76 13.10 6.54
CA ALA C 116 0.68 13.13 6.76
C ALA C 116 1.43 12.30 5.73
N LYS D 5 -36.27 27.56 5.94
CA LYS D 5 -35.96 26.12 5.68
C LYS D 5 -36.48 25.66 4.33
N VAL D 6 -35.63 25.74 3.30
CA VAL D 6 -35.95 25.33 1.93
C VAL D 6 -34.71 25.28 1.03
N LEU D 7 -33.99 26.40 0.95
CA LEU D 7 -32.79 26.57 0.12
C LEU D 7 -31.57 25.85 0.71
N ARG D 8 -31.46 24.56 0.40
CA ARG D 8 -30.39 23.71 0.93
C ARG D 8 -29.15 23.51 0.07
N ASP D 9 -28.11 23.02 0.75
CA ASP D 9 -26.82 22.69 0.15
C ASP D 9 -26.72 21.18 0.34
N ASN D 10 -26.17 20.48 -0.66
CA ASN D 10 -26.09 19.01 -0.64
C ASN D 10 -25.28 18.29 0.41
N ILE D 11 -24.08 18.79 0.68
CA ILE D 11 -23.22 18.20 1.69
C ILE D 11 -23.89 18.40 3.07
N GLN D 12 -24.68 19.47 3.17
CA GLN D 12 -25.43 19.79 4.39
C GLN D 12 -26.59 18.80 4.49
N GLY D 13 -26.78 18.05 3.41
CA GLY D 13 -27.82 17.03 3.32
C GLY D 13 -27.46 15.83 4.16
N ILE D 14 -26.16 15.69 4.42
CA ILE D 14 -25.64 14.61 5.26
C ILE D 14 -25.84 15.22 6.63
N THR D 15 -26.98 14.90 7.26
CA THR D 15 -27.40 15.47 8.54
C THR D 15 -26.72 15.02 9.82
N LYS D 16 -26.84 15.87 10.83
CA LYS D 16 -26.28 15.60 12.16
C LYS D 16 -26.71 14.23 12.74
N PRO D 17 -28.02 13.90 12.75
CA PRO D 17 -28.40 12.59 13.32
C PRO D 17 -27.81 11.41 12.53
N ALA D 18 -27.62 11.58 11.22
CA ALA D 18 -27.02 10.54 10.38
C ALA D 18 -25.56 10.36 10.79
N ILE D 19 -24.84 11.47 10.81
CA ILE D 19 -23.45 11.43 11.24
C ILE D 19 -23.39 10.86 12.67
N ARG D 20 -24.33 11.27 13.51
CA ARG D 20 -24.38 10.79 14.87
C ARG D 20 -24.53 9.26 14.83
N ARG D 21 -25.41 8.73 13.98
CA ARG D 21 -25.58 7.27 13.88
C ARG D 21 -24.27 6.56 13.48
N LEU D 22 -23.58 7.13 12.50
CA LEU D 22 -22.30 6.57 12.04
C LEU D 22 -21.35 6.43 13.22
N ALA D 23 -21.12 7.55 13.91
CA ALA D 23 -20.27 7.61 15.09
C ALA D 23 -20.59 6.50 16.10
N ARG D 24 -21.87 6.31 16.39
CA ARG D 24 -22.31 5.30 17.33
C ARG D 24 -21.89 3.90 16.92
N ARG D 25 -22.02 3.58 15.64
CA ARG D 25 -21.61 2.27 15.14
C ARG D 25 -20.09 2.13 15.35
N GLY D 26 -19.42 3.29 15.33
CA GLY D 26 -17.98 3.37 15.57
C GLY D 26 -17.63 3.31 17.06
N GLY D 27 -18.65 3.30 17.92
CA GLY D 27 -18.44 3.20 19.35
C GLY D 27 -18.24 4.50 20.14
N VAL D 28 -18.54 5.64 19.50
CA VAL D 28 -18.42 6.97 20.13
C VAL D 28 -19.61 7.24 21.06
N LYS D 29 -19.33 7.77 22.26
CA LYS D 29 -20.38 8.05 23.26
C LYS D 29 -20.79 9.53 23.37
N ARG D 30 -19.80 10.41 23.38
CA ARG D 30 -20.05 11.86 23.48
C ARG D 30 -19.37 12.48 22.25
N ILE D 31 -20.03 13.45 21.61
CA ILE D 31 -19.52 14.09 20.40
C ILE D 31 -19.49 15.63 20.41
N SER D 32 -18.30 16.20 20.21
CA SER D 32 -18.13 17.65 20.16
C SER D 32 -18.97 18.29 19.04
N GLY D 33 -19.47 19.49 19.33
CA GLY D 33 -20.29 20.19 18.36
C GLY D 33 -19.64 20.42 17.02
N LEU D 34 -18.32 20.41 16.97
CA LEU D 34 -17.60 20.67 15.72
C LEU D 34 -17.34 19.47 14.81
N ILE D 35 -17.72 18.29 15.27
CA ILE D 35 -17.50 17.07 14.51
C ILE D 35 -18.29 16.98 13.19
N TYR D 36 -19.47 17.57 13.14
CA TYR D 36 -20.30 17.48 11.94
C TYR D 36 -19.68 18.15 10.73
N GLU D 37 -19.19 19.36 10.90
CA GLU D 37 -18.58 20.05 9.78
C GLU D 37 -17.29 19.33 9.43
N GLU D 38 -16.54 18.94 10.45
CA GLU D 38 -15.30 18.23 10.21
C GLU D 38 -15.57 16.97 9.37
N THR D 39 -16.56 16.18 9.79
CA THR D 39 -16.94 14.93 9.12
C THR D 39 -17.39 15.16 7.68
N ARG D 40 -18.19 16.20 7.46
CA ARG D 40 -18.65 16.49 6.11
C ARG D 40 -17.46 16.70 5.19
N GLY D 41 -16.44 17.36 5.69
CA GLY D 41 -15.25 17.61 4.89
C GLY D 41 -14.47 16.36 4.54
N VAL D 42 -14.40 15.44 5.49
CA VAL D 42 -13.71 14.18 5.28
C VAL D 42 -14.48 13.44 4.19
N LEU D 43 -15.79 13.37 4.34
CA LEU D 43 -16.62 12.66 3.36
C LEU D 43 -16.50 13.22 1.97
N LYS D 44 -16.42 14.53 1.86
CA LYS D 44 -16.25 15.16 0.57
C LYS D 44 -14.94 14.71 -0.08
N VAL D 45 -13.83 14.74 0.67
CA VAL D 45 -12.53 14.30 0.13
C VAL D 45 -12.65 12.83 -0.25
N PHE D 46 -13.30 12.02 0.59
CA PHE D 46 -13.47 10.62 0.26
C PHE D 46 -14.17 10.47 -1.10
N LEU D 47 -15.38 10.98 -1.21
CA LEU D 47 -16.15 10.90 -2.45
C LEU D 47 -15.40 11.48 -3.64
N GLU D 48 -14.82 12.68 -3.51
CA GLU D 48 -14.04 13.32 -4.59
C GLU D 48 -13.00 12.37 -5.16
N ASN D 49 -12.11 11.88 -4.30
CA ASN D 49 -11.07 10.94 -4.74
C ASN D 49 -11.58 9.74 -5.50
N VAL D 50 -12.53 9.02 -4.90
CA VAL D 50 -13.09 7.83 -5.50
C VAL D 50 -13.82 8.11 -6.82
N ILE D 51 -14.72 9.08 -6.82
CA ILE D 51 -15.50 9.43 -8.01
C ILE D 51 -14.61 9.88 -9.14
N ARG D 52 -13.56 10.63 -8.81
CA ARG D 52 -12.65 11.10 -9.84
C ARG D 52 -12.16 9.90 -10.64
N ASP D 53 -11.73 8.86 -9.93
CA ASP D 53 -11.24 7.66 -10.59
C ASP D 53 -12.37 6.91 -11.32
N ALA D 54 -13.50 6.70 -10.64
CA ALA D 54 -14.65 6.03 -11.26
C ALA D 54 -15.00 6.73 -12.59
N VAL D 55 -15.30 8.02 -12.53
CA VAL D 55 -15.61 8.75 -13.75
C VAL D 55 -14.50 8.61 -14.80
N THR D 56 -13.22 8.56 -14.38
CA THR D 56 -12.10 8.38 -15.30
C THR D 56 -12.26 7.03 -15.99
N TYR D 57 -12.69 6.03 -15.25
CA TYR D 57 -12.91 4.74 -15.85
C TYR D 57 -14.08 4.85 -16.80
N THR D 58 -15.14 5.56 -16.37
CA THR D 58 -16.33 5.74 -17.20
C THR D 58 -15.93 6.31 -18.55
N GLU D 59 -15.28 7.47 -18.52
CA GLU D 59 -14.85 8.15 -19.74
C GLU D 59 -14.04 7.21 -20.62
N HIS D 60 -13.04 6.56 -20.06
CA HIS D 60 -12.25 5.65 -20.87
C HIS D 60 -13.11 4.60 -21.55
N ALA D 61 -14.12 4.11 -20.84
CA ALA D 61 -15.02 3.11 -21.38
C ALA D 61 -15.98 3.69 -22.41
N LYS D 62 -15.76 4.96 -22.76
CA LYS D 62 -16.58 5.67 -23.74
C LYS D 62 -18.06 5.75 -23.31
N ARG D 63 -18.35 5.55 -22.02
CA ARG D 63 -19.72 5.58 -21.49
C ARG D 63 -20.14 6.91 -20.88
N LYS D 64 -21.46 7.13 -20.84
CA LYS D 64 -22.05 8.34 -20.28
C LYS D 64 -22.75 7.97 -18.95
N THR D 65 -22.51 6.74 -18.49
CA THR D 65 -23.10 6.25 -17.24
C THR D 65 -22.07 5.54 -16.39
N VAL D 66 -21.98 5.94 -15.13
CA VAL D 66 -21.03 5.36 -14.18
C VAL D 66 -21.51 4.01 -13.68
N THR D 67 -20.82 2.94 -14.02
CA THR D 67 -21.25 1.62 -13.58
C THR D 67 -20.71 1.25 -12.21
N ALA D 68 -21.37 0.30 -11.55
CA ALA D 68 -20.92 -0.15 -10.25
C ALA D 68 -19.49 -0.65 -10.44
N MET D 69 -19.22 -1.25 -11.61
CA MET D 69 -17.88 -1.74 -11.92
C MET D 69 -16.89 -0.63 -11.81
N ASP D 70 -17.19 0.51 -12.43
CA ASP D 70 -16.28 1.65 -12.37
C ASP D 70 -16.01 2.03 -10.93
N VAL D 71 -17.04 2.03 -10.09
CA VAL D 71 -16.87 2.39 -8.67
C VAL D 71 -15.98 1.38 -7.92
N VAL D 72 -16.19 0.11 -8.19
CA VAL D 72 -15.42 -0.96 -7.59
C VAL D 72 -13.96 -0.91 -7.95
N TYR D 73 -13.68 -0.76 -9.24
CA TYR D 73 -12.31 -0.68 -9.74
C TYR D 73 -11.58 0.50 -9.08
N ALA D 74 -12.26 1.63 -8.96
CA ALA D 74 -11.70 2.84 -8.34
C ALA D 74 -11.37 2.60 -6.88
N LEU D 75 -12.27 1.91 -6.16
CA LEU D 75 -12.04 1.57 -4.77
C LEU D 75 -10.81 0.66 -4.65
N LYS D 76 -10.71 -0.38 -5.47
CA LYS D 76 -9.54 -1.26 -5.37
C LYS D 76 -8.23 -0.49 -5.46
N ARG D 77 -8.19 0.54 -6.30
CA ARG D 77 -7.02 1.40 -6.43
C ARG D 77 -6.82 2.23 -5.19
N GLN D 78 -7.91 2.70 -4.60
CA GLN D 78 -7.77 3.49 -3.38
C GLN D 78 -7.28 2.56 -2.26
N GLY D 79 -7.37 1.25 -2.50
CA GLY D 79 -6.97 0.30 -1.49
C GLY D 79 -8.16 0.18 -0.58
N ARG D 80 -9.34 0.40 -1.16
CA ARG D 80 -10.62 0.34 -0.47
C ARG D 80 -11.49 -0.81 -0.93
N THR D 81 -10.87 -1.87 -1.43
CA THR D 81 -11.56 -3.05 -1.93
C THR D 81 -12.94 -3.37 -1.31
N LEU D 82 -13.97 -3.47 -2.17
CA LEU D 82 -15.36 -3.76 -1.74
C LEU D 82 -16.00 -5.06 -2.29
N TYR D 83 -16.54 -5.91 -1.43
CA TYR D 83 -17.17 -7.15 -1.92
C TYR D 83 -18.68 -6.94 -2.05
N GLY D 84 -19.26 -7.53 -3.08
CA GLY D 84 -20.70 -7.42 -3.28
C GLY D 84 -21.22 -6.72 -4.52
N PHE D 85 -20.33 -6.14 -5.30
CA PHE D 85 -20.81 -5.46 -6.48
C PHE D 85 -20.07 -5.91 -7.74
N GLY D 86 -19.61 -7.15 -7.74
CA GLY D 86 -18.91 -7.70 -8.88
C GLY D 86 -17.88 -8.77 -8.54
N GLY D 87 -16.63 -8.48 -8.88
CA GLY D 87 -15.54 -9.41 -8.61
C GLY D 87 -14.23 -9.01 -9.26
N GLY E 1 13.03 -9.52 -54.09
CA GLY E 1 12.75 -8.09 -53.77
C GLY E 1 13.55 -7.52 -52.61
N LYS E 2 14.70 -8.13 -52.32
CA LYS E 2 15.56 -7.68 -51.22
C LYS E 2 16.54 -6.58 -51.67
N GLN E 3 16.16 -5.87 -52.73
CA GLN E 3 16.97 -4.78 -53.26
C GLN E 3 16.94 -3.58 -52.30
N GLY E 4 16.02 -3.63 -51.34
CA GLY E 4 15.87 -2.56 -50.36
C GLY E 4 16.88 -2.51 -49.23
N GLY E 5 17.48 -3.65 -48.89
CA GLY E 5 18.47 -3.68 -47.81
C GLY E 5 19.85 -3.27 -48.27
N LYS E 6 19.96 -2.04 -48.81
CA LYS E 6 21.22 -1.49 -49.32
C LYS E 6 21.34 0.06 -49.22
N THR E 7 22.14 0.65 -50.12
CA THR E 7 22.43 2.10 -50.16
C THR E 7 21.27 3.11 -50.10
N ARG E 8 21.64 4.37 -49.86
CA ARG E 8 20.73 5.52 -49.76
C ARG E 8 19.68 5.49 -48.64
N ALA E 9 19.17 6.68 -48.28
CA ALA E 9 18.17 6.88 -47.22
C ALA E 9 18.77 6.80 -45.81
N LYS E 10 18.87 5.58 -45.28
CA LYS E 10 19.42 5.28 -43.95
C LYS E 10 18.58 5.63 -42.70
N ALA E 11 18.54 4.66 -41.77
CA ALA E 11 17.80 4.70 -40.51
C ALA E 11 17.64 5.99 -39.70
N LYS E 12 16.78 5.89 -38.70
CA LYS E 12 16.46 6.98 -37.81
C LYS E 12 15.69 6.36 -36.62
N THR E 13 16.19 6.58 -35.42
CA THR E 13 15.54 6.02 -34.23
C THR E 13 14.16 6.59 -33.99
N ARG E 14 13.35 5.80 -33.30
CA ARG E 14 11.99 6.19 -32.98
C ARG E 14 11.96 7.28 -31.93
N SER E 15 12.97 7.34 -31.07
CA SER E 15 13.02 8.40 -30.07
C SER E 15 13.24 9.66 -30.88
N SER E 16 14.09 9.56 -31.90
CA SER E 16 14.39 10.67 -32.79
C SER E 16 13.10 11.22 -33.43
N ARG E 17 12.31 10.31 -33.97
CA ARG E 17 11.02 10.65 -34.59
C ARG E 17 10.06 11.31 -33.57
N ALA E 18 9.94 10.74 -32.37
CA ALA E 18 9.06 11.29 -31.34
C ALA E 18 9.52 12.64 -30.79
N GLY E 19 10.82 12.91 -30.89
CA GLY E 19 11.42 14.16 -30.41
C GLY E 19 11.87 13.95 -28.99
N LEU E 20 12.26 12.72 -28.68
CA LEU E 20 12.65 12.35 -27.33
C LEU E 20 14.08 11.87 -27.07
N GLN E 21 14.48 12.02 -25.80
CA GLN E 21 15.79 11.60 -25.33
C GLN E 21 15.69 10.13 -24.92
N PHE E 22 14.61 9.78 -24.22
CA PHE E 22 14.36 8.41 -23.75
C PHE E 22 14.19 7.39 -24.90
N PRO E 23 14.51 6.09 -24.63
CA PRO E 23 14.45 4.95 -25.56
C PRO E 23 13.10 4.38 -25.92
N VAL E 24 12.49 4.86 -27.00
CA VAL E 24 11.20 4.37 -27.44
C VAL E 24 11.36 2.92 -27.84
N GLY E 25 12.49 2.63 -28.47
CA GLY E 25 12.77 1.26 -28.87
C GLY E 25 12.72 0.36 -27.65
N ARG E 26 13.56 0.64 -26.66
CA ARG E 26 13.63 -0.14 -25.41
C ARG E 26 12.33 -0.23 -24.60
N VAL E 27 11.64 0.89 -24.47
CA VAL E 27 10.39 0.95 -23.74
C VAL E 27 9.37 0.02 -24.40
N HIS E 28 9.17 0.14 -25.72
CA HIS E 28 8.21 -0.72 -26.46
C HIS E 28 8.53 -2.18 -26.18
N ARG E 29 9.81 -2.47 -26.19
CA ARG E 29 10.31 -3.81 -25.93
C ARG E 29 9.96 -4.32 -24.52
N LEU E 30 10.18 -3.47 -23.51
CA LEU E 30 9.88 -3.84 -22.12
C LEU E 30 8.40 -4.09 -21.88
N LEU E 31 7.56 -3.39 -22.64
CA LEU E 31 6.10 -3.54 -22.56
C LEU E 31 5.67 -4.95 -23.00
N ARG E 32 6.28 -5.47 -24.05
CA ARG E 32 5.97 -6.81 -24.54
C ARG E 32 6.40 -7.83 -23.49
N LYS E 33 7.67 -7.80 -23.13
CA LYS E 33 8.21 -8.77 -22.16
C LYS E 33 7.71 -8.75 -20.71
N GLY E 34 6.79 -7.83 -20.42
CA GLY E 34 6.22 -7.71 -19.08
C GLY E 34 4.82 -8.26 -18.97
N ASN E 35 4.29 -8.73 -20.10
CA ASN E 35 2.96 -9.33 -20.16
C ASN E 35 1.88 -8.50 -19.53
N TYR E 36 1.52 -7.43 -20.23
CA TYR E 36 0.51 -6.52 -19.77
C TYR E 36 -0.77 -6.73 -20.54
N ALA E 37 -0.62 -6.97 -21.82
CA ALA E 37 -1.75 -7.21 -22.70
C ALA E 37 -1.22 -8.09 -23.81
N GLU E 38 -2.10 -8.65 -24.63
CA GLU E 38 -1.65 -9.50 -25.74
C GLU E 38 -0.79 -8.68 -26.70
N ARG E 39 -1.37 -7.63 -27.24
CA ARG E 39 -0.68 -6.78 -28.18
C ARG E 39 -0.40 -5.38 -27.60
N VAL E 40 0.59 -4.69 -28.19
CA VAL E 40 1.00 -3.34 -27.80
C VAL E 40 1.15 -2.50 -29.06
N GLY E 41 0.36 -1.43 -29.16
CA GLY E 41 0.43 -0.59 -30.34
C GLY E 41 1.66 0.27 -30.37
N ALA E 42 1.96 0.88 -31.52
CA ALA E 42 3.14 1.73 -31.68
C ALA E 42 3.18 2.97 -30.79
N GLY E 43 2.04 3.61 -30.61
CA GLY E 43 2.01 4.81 -29.80
C GLY E 43 2.23 4.52 -28.34
N ALA E 44 1.96 3.30 -27.89
CA ALA E 44 2.13 3.00 -26.48
C ALA E 44 3.50 3.39 -25.94
N PRO E 45 4.58 2.84 -26.53
CA PRO E 45 5.90 3.20 -26.02
C PRO E 45 6.23 4.68 -26.16
N VAL E 46 5.85 5.29 -27.28
CA VAL E 46 6.10 6.72 -27.50
C VAL E 46 5.58 7.55 -26.33
N TYR E 47 4.33 7.29 -25.96
CA TYR E 47 3.68 8.00 -24.87
C TYR E 47 4.36 7.76 -23.54
N LEU E 48 4.51 6.49 -23.20
CA LEU E 48 5.13 6.13 -21.95
C LEU E 48 6.51 6.76 -21.85
N ALA E 49 7.27 6.70 -22.92
CA ALA E 49 8.59 7.29 -22.95
C ALA E 49 8.53 8.81 -22.69
N ALA E 50 7.55 9.47 -23.30
CA ALA E 50 7.39 10.91 -23.11
C ALA E 50 7.11 11.22 -21.64
N VAL E 51 6.23 10.43 -21.05
CA VAL E 51 5.86 10.62 -19.66
C VAL E 51 7.05 10.34 -18.71
N LEU E 52 7.73 9.23 -18.90
CA LEU E 52 8.87 8.92 -18.05
C LEU E 52 9.92 10.01 -18.17
N GLU E 53 10.26 10.40 -19.39
CA GLU E 53 11.25 11.45 -19.58
C GLU E 53 10.82 12.71 -18.85
N TYR E 54 9.56 13.11 -19.06
CA TYR E 54 9.02 14.31 -18.46
C TYR E 54 9.19 14.28 -16.97
N LEU E 55 8.79 13.19 -16.33
CA LEU E 55 8.91 13.09 -14.89
C LEU E 55 10.36 13.18 -14.42
N THR E 56 11.29 12.50 -15.10
CA THR E 56 12.68 12.58 -14.66
C THR E 56 13.18 14.04 -14.79
N ALA E 57 12.75 14.76 -15.81
CA ALA E 57 13.16 16.19 -15.92
C ALA E 57 12.67 16.98 -14.70
N GLU E 58 11.45 16.69 -14.26
CA GLU E 58 10.85 17.33 -13.11
C GLU E 58 11.66 17.07 -11.84
N ILE E 59 11.98 15.82 -11.56
CA ILE E 59 12.75 15.50 -10.37
C ILE E 59 14.16 16.09 -10.42
N LEU E 60 14.81 16.04 -11.60
CA LEU E 60 16.17 16.57 -11.82
C LEU E 60 16.22 18.10 -11.71
N GLU E 61 15.25 18.79 -12.27
CA GLU E 61 15.20 20.25 -12.13
C GLU E 61 15.10 20.51 -10.65
N LEU E 62 14.14 19.88 -9.97
CA LEU E 62 13.99 20.10 -8.53
C LEU E 62 15.22 19.74 -7.66
N ALA E 63 15.81 18.57 -7.91
CA ALA E 63 17.00 18.10 -7.19
C ALA E 63 18.24 18.97 -7.46
N GLY E 64 18.43 19.37 -8.71
CA GLY E 64 19.55 20.23 -9.01
C GLY E 64 19.48 21.49 -8.18
N ASN E 65 18.27 22.01 -7.94
CA ASN E 65 18.14 23.22 -7.13
C ASN E 65 18.63 22.93 -5.73
N ALA E 66 18.19 21.80 -5.17
CA ALA E 66 18.61 21.46 -3.84
C ALA E 66 20.14 21.44 -3.83
N ALA E 67 20.73 20.98 -4.94
CA ALA E 67 22.18 20.94 -5.05
C ALA E 67 22.72 22.36 -4.90
N ARG E 68 22.23 23.28 -5.71
CA ARG E 68 22.63 24.69 -5.65
C ARG E 68 22.50 25.23 -4.23
N ASP E 69 21.34 25.00 -3.61
CA ASP E 69 21.06 25.46 -2.26
C ASP E 69 22.12 25.11 -1.23
N ASN E 70 22.64 23.89 -1.30
CA ASN E 70 23.66 23.46 -0.35
C ASN E 70 25.07 23.59 -0.89
N LYS E 71 25.20 24.44 -1.91
CA LYS E 71 26.47 24.76 -2.54
C LYS E 71 27.26 23.58 -3.13
N LYS E 72 26.52 22.57 -3.56
CA LYS E 72 27.10 21.37 -4.17
C LYS E 72 26.84 21.38 -5.66
N THR E 73 27.59 20.57 -6.38
CA THR E 73 27.47 20.47 -7.82
C THR E 73 27.04 19.09 -8.25
N ARG E 74 27.33 18.10 -7.41
CA ARG E 74 26.95 16.76 -7.73
C ARG E 74 25.75 16.43 -6.87
N ILE E 75 24.63 16.17 -7.53
CA ILE E 75 23.40 15.78 -6.86
C ILE E 75 23.66 14.46 -6.14
N ILE E 76 23.17 14.37 -4.91
CA ILE E 76 23.28 13.15 -4.14
C ILE E 76 21.87 12.82 -3.69
N PRO E 77 21.67 11.63 -3.13
CA PRO E 77 20.33 11.24 -2.67
C PRO E 77 19.62 12.25 -1.80
N ARG E 78 20.33 12.92 -0.87
CA ARG E 78 19.68 13.92 -0.03
C ARG E 78 18.97 14.99 -0.89
N HIS E 79 19.59 15.34 -2.01
CA HIS E 79 19.02 16.35 -2.89
C HIS E 79 17.72 15.82 -3.49
N LEU E 80 17.67 14.52 -3.80
CA LEU E 80 16.46 13.88 -4.32
C LEU E 80 15.36 13.90 -3.23
N GLN E 81 15.70 13.49 -1.99
CA GLN E 81 14.71 13.49 -0.89
C GLN E 81 14.12 14.87 -0.72
N LEU E 82 15.00 15.85 -0.53
CA LEU E 82 14.57 17.22 -0.35
C LEU E 82 13.64 17.62 -1.47
N ALA E 83 14.04 17.44 -2.72
CA ALA E 83 13.21 17.79 -3.88
C ALA E 83 11.79 17.19 -3.86
N VAL E 84 11.72 15.88 -3.61
CA VAL E 84 10.47 15.15 -3.53
C VAL E 84 9.63 15.61 -2.33
N ARG E 85 10.18 15.47 -1.13
CA ARG E 85 9.45 15.83 0.05
C ARG E 85 9.00 17.29 0.09
N ASN E 86 9.69 18.18 -0.62
CA ASN E 86 9.29 19.59 -0.64
C ASN E 86 8.24 19.96 -1.68
N ASP E 87 7.98 19.02 -2.59
CA ASP E 87 7.03 19.20 -3.66
C ASP E 87 5.83 18.34 -3.31
N GLU E 88 4.67 18.98 -3.18
CA GLU E 88 3.44 18.29 -2.81
C GLU E 88 3.11 17.11 -3.67
N GLU E 89 3.22 17.31 -5.00
CA GLU E 89 2.89 16.26 -5.96
C GLU E 89 3.84 15.11 -6.06
N LEU E 90 5.13 15.41 -6.10
CA LEU E 90 6.14 14.35 -6.12
C LEU E 90 6.03 13.60 -4.80
N ASN E 91 5.79 14.34 -3.72
CA ASN E 91 5.65 13.71 -2.41
C ASN E 91 4.49 12.74 -2.39
N LYS E 92 3.39 13.12 -3.03
CA LYS E 92 2.22 12.24 -3.11
C LYS E 92 2.60 11.00 -3.90
N LEU E 93 3.06 11.21 -5.13
CA LEU E 93 3.45 10.13 -6.03
C LEU E 93 4.41 9.13 -5.45
N LEU E 94 5.30 9.59 -4.57
CA LEU E 94 6.32 8.75 -3.94
C LEU E 94 6.13 8.66 -2.45
N GLY E 95 4.86 8.71 -2.06
CA GLY E 95 4.50 8.66 -0.66
C GLY E 95 4.63 7.33 0.07
N ARG E 96 4.93 6.26 -0.68
CA ARG E 96 5.10 4.93 -0.11
C ARG E 96 6.48 4.45 -0.58
N VAL E 97 7.32 5.40 -0.93
CA VAL E 97 8.66 5.12 -1.40
C VAL E 97 9.73 5.68 -0.49
N THR E 98 10.74 4.86 -0.22
CA THR E 98 11.83 5.33 0.60
C THR E 98 13.12 5.36 -0.24
N ILE E 99 13.64 6.57 -0.41
CA ILE E 99 14.87 6.89 -1.12
C ILE E 99 16.00 6.65 -0.12
N ALA E 100 16.77 5.59 -0.31
CA ALA E 100 17.87 5.29 0.58
C ALA E 100 18.83 6.50 0.67
N GLN E 101 19.44 6.68 1.85
CA GLN E 101 20.38 7.76 2.19
C GLN E 101 19.83 9.18 1.98
N GLY E 102 18.52 9.32 2.09
CA GLY E 102 17.92 10.64 1.90
C GLY E 102 17.61 11.41 3.17
N GLY E 103 17.52 10.70 4.30
CA GLY E 103 17.22 11.34 5.57
C GLY E 103 15.80 11.89 5.59
N VAL E 104 15.57 12.88 6.44
CA VAL E 104 14.23 13.45 6.58
C VAL E 104 14.31 14.95 6.49
N LEU E 105 13.17 15.60 6.29
CA LEU E 105 13.13 17.07 6.22
C LEU E 105 13.23 17.59 7.63
N PRO E 106 14.08 18.61 7.86
CA PRO E 106 14.17 19.12 9.23
C PRO E 106 12.87 19.79 9.61
N ASN E 107 12.25 19.28 10.68
CA ASN E 107 10.98 19.81 11.15
C ASN E 107 10.71 19.48 12.61
N ILE E 108 10.78 20.51 13.46
CA ILE E 108 10.51 20.37 14.89
C ILE E 108 9.14 20.94 15.27
N GLN E 109 8.31 20.14 15.95
CA GLN E 109 6.98 20.56 16.38
C GLN E 109 7.13 21.76 17.27
N SER E 110 6.32 22.78 17.02
CA SER E 110 6.33 24.05 17.74
C SER E 110 6.39 23.97 19.27
N VAL E 111 5.57 23.11 19.86
CA VAL E 111 5.52 22.97 21.29
C VAL E 111 6.77 22.35 21.92
N LEU E 112 7.77 22.07 21.10
CA LEU E 112 9.02 21.48 21.58
C LEU E 112 10.09 22.54 21.76
N LEU E 113 9.89 23.70 21.15
CA LEU E 113 10.81 24.81 21.25
C LEU E 113 10.70 25.41 22.65
N PRO E 114 11.75 26.12 23.11
CA PRO E 114 11.82 26.75 24.44
C PRO E 114 10.82 27.90 24.67
N LYS E 115 10.93 28.51 25.86
CA LYS E 115 10.09 29.62 26.31
C LYS E 115 10.01 30.82 25.36
N LYS F 1 39.62 -22.02 -21.43
CA LYS F 1 38.51 -21.28 -20.77
C LYS F 1 37.61 -20.59 -21.79
N LYS F 2 36.87 -19.57 -21.36
CA LYS F 2 35.96 -18.87 -22.27
C LYS F 2 35.88 -17.35 -22.01
N ARG F 3 35.06 -16.66 -22.82
CA ARG F 3 34.83 -15.22 -22.72
C ARG F 3 33.42 -15.02 -22.14
N ARG F 4 33.34 -14.91 -20.83
CA ARG F 4 32.06 -14.77 -20.15
C ARG F 4 31.66 -13.35 -19.75
N LYS F 5 30.81 -12.72 -20.58
CA LYS F 5 30.32 -11.36 -20.34
C LYS F 5 29.21 -11.36 -19.27
N THR F 6 28.31 -10.39 -19.33
CA THR F 6 27.20 -10.29 -18.36
C THR F 6 25.93 -9.51 -18.82
N ARG F 7 26.10 -8.21 -19.09
CA ARG F 7 25.05 -7.26 -19.55
C ARG F 7 23.76 -7.02 -18.76
N LYS F 8 23.62 -5.79 -18.28
CA LYS F 8 22.48 -5.31 -17.49
C LYS F 8 22.12 -3.86 -17.88
N GLU F 9 21.04 -3.70 -18.64
CA GLU F 9 20.56 -2.39 -19.09
C GLU F 9 20.17 -1.43 -17.96
N SER F 10 20.19 -0.13 -18.26
CA SER F 10 19.88 0.93 -17.29
C SER F 10 19.25 2.08 -18.06
N TYR F 11 18.84 3.14 -17.37
CA TYR F 11 18.27 4.34 -18.03
C TYR F 11 19.28 5.46 -17.81
N ALA F 12 20.39 5.11 -17.16
CA ALA F 12 21.48 6.03 -16.84
C ALA F 12 21.85 7.08 -17.90
N ILE F 13 22.25 6.63 -19.08
CA ILE F 13 22.63 7.59 -20.11
C ILE F 13 21.46 8.53 -20.44
N TYR F 14 20.24 8.00 -20.38
CA TYR F 14 19.09 8.83 -20.68
C TYR F 14 18.79 9.81 -19.54
N VAL F 15 18.91 9.35 -18.29
CA VAL F 15 18.70 10.23 -17.16
C VAL F 15 19.73 11.32 -17.36
N TYR F 16 20.98 10.91 -17.59
CA TYR F 16 22.06 11.87 -17.83
C TYR F 16 21.77 12.92 -18.94
N LYS F 17 21.32 12.50 -20.13
CA LYS F 17 21.03 13.48 -21.20
C LYS F 17 20.10 14.56 -20.69
N VAL F 18 18.99 14.12 -20.10
CA VAL F 18 17.99 15.04 -19.57
C VAL F 18 18.63 15.90 -18.49
N LEU F 19 19.42 15.27 -17.64
CA LEU F 19 20.13 15.99 -16.58
C LEU F 19 20.83 17.21 -17.15
N LYS F 20 21.57 16.98 -18.24
CA LYS F 20 22.32 18.04 -18.89
C LYS F 20 21.44 19.09 -19.48
N GLN F 21 20.22 18.72 -19.83
CA GLN F 21 19.26 19.66 -20.38
C GLN F 21 18.74 20.69 -19.36
N VAL F 22 18.35 20.22 -18.16
CA VAL F 22 17.78 21.13 -17.13
C VAL F 22 18.79 22.01 -16.40
N HIS F 23 19.88 21.38 -16.00
CA HIS F 23 21.01 21.99 -15.28
C HIS F 23 22.30 21.53 -15.96
N PRO F 24 22.74 22.28 -16.97
CA PRO F 24 23.94 22.01 -17.79
C PRO F 24 25.26 21.74 -17.06
N ASP F 25 25.46 22.41 -15.92
CA ASP F 25 26.71 22.25 -15.19
C ASP F 25 26.64 21.45 -13.88
N THR F 26 25.64 20.57 -13.77
CA THR F 26 25.49 19.77 -12.56
C THR F 26 25.75 18.26 -12.83
N GLY F 27 26.24 17.55 -11.84
CA GLY F 27 26.50 16.14 -12.01
C GLY F 27 25.59 15.30 -11.13
N ILE F 28 25.91 14.02 -10.96
CA ILE F 28 25.10 13.14 -10.12
C ILE F 28 25.91 11.91 -9.69
N SER F 29 25.94 11.65 -8.38
CA SER F 29 26.69 10.52 -7.85
C SER F 29 26.10 9.22 -8.37
N SER F 30 26.84 8.12 -8.30
CA SER F 30 26.30 6.87 -8.81
C SER F 30 25.13 6.40 -7.95
N LYS F 31 25.19 6.71 -6.66
CA LYS F 31 24.12 6.33 -5.75
C LYS F 31 22.84 7.04 -6.18
N ALA F 32 22.92 8.34 -6.41
CA ALA F 32 21.74 9.07 -6.86
C ALA F 32 21.23 8.53 -8.21
N MET F 33 22.13 8.22 -9.14
CA MET F 33 21.68 7.68 -10.42
C MET F 33 20.96 6.38 -10.18
N SER F 34 21.51 5.53 -9.34
CA SER F 34 20.86 4.27 -9.02
C SER F 34 19.41 4.54 -8.63
N ILE F 35 19.23 5.52 -7.77
CA ILE F 35 17.90 5.92 -7.34
C ILE F 35 17.03 6.39 -8.51
N MET F 36 17.56 7.26 -9.35
CA MET F 36 16.82 7.76 -10.52
C MET F 36 16.38 6.61 -11.38
N ASN F 37 17.23 5.58 -11.42
CA ASN F 37 16.92 4.40 -12.19
C ASN F 37 15.77 3.64 -11.56
N SER F 38 15.81 3.47 -10.23
CA SER F 38 14.74 2.79 -9.50
C SER F 38 13.41 3.50 -9.76
N PHE F 39 13.42 4.81 -9.59
CA PHE F 39 12.25 5.64 -9.80
C PHE F 39 11.60 5.37 -11.16
N VAL F 40 12.38 5.53 -12.22
CA VAL F 40 11.91 5.31 -13.58
C VAL F 40 11.23 3.97 -13.78
N ASN F 41 11.88 2.89 -13.34
CA ASN F 41 11.31 1.56 -13.49
C ASN F 41 10.03 1.47 -12.68
N ASP F 42 10.06 1.98 -11.46
CA ASP F 42 8.91 1.97 -10.58
C ASP F 42 7.71 2.57 -11.28
N VAL F 43 7.83 3.83 -11.67
CA VAL F 43 6.75 4.52 -12.35
C VAL F 43 6.34 3.74 -13.60
N PHE F 44 7.32 3.20 -14.32
CA PHE F 44 7.03 2.40 -15.50
C PHE F 44 6.09 1.22 -15.19
N GLU F 45 6.42 0.41 -14.19
CA GLU F 45 5.58 -0.73 -13.83
C GLU F 45 4.21 -0.29 -13.32
N ARG F 46 4.15 0.89 -12.72
CA ARG F 46 2.90 1.42 -12.19
C ARG F 46 1.97 1.80 -13.30
N ILE F 47 2.53 2.52 -14.27
CA ILE F 47 1.76 2.94 -15.43
C ILE F 47 1.39 1.76 -16.31
N ALA F 48 2.34 0.86 -16.55
CA ALA F 48 2.11 -0.35 -17.38
C ALA F 48 1.10 -1.24 -16.69
N GLY F 49 1.16 -1.27 -15.38
CA GLY F 49 0.23 -2.07 -14.61
C GLY F 49 -1.18 -1.50 -14.74
N GLU F 50 -1.32 -0.19 -14.54
CA GLU F 50 -2.63 0.44 -14.68
C GLU F 50 -3.17 0.05 -16.05
N ALA F 51 -2.39 0.39 -17.09
CA ALA F 51 -2.75 0.09 -18.46
C ALA F 51 -3.21 -1.35 -18.61
N SER F 52 -2.44 -2.30 -18.10
CA SER F 52 -2.82 -3.69 -18.17
C SER F 52 -4.25 -3.90 -17.69
N ARG F 53 -4.54 -3.50 -16.45
CA ARG F 53 -5.86 -3.65 -15.85
C ARG F 53 -6.93 -2.92 -16.60
N LEU F 54 -6.65 -1.69 -17.01
CA LEU F 54 -7.61 -0.90 -17.78
C LEU F 54 -8.08 -1.71 -19.01
N ALA F 55 -7.13 -2.27 -19.76
CA ALA F 55 -7.42 -3.08 -20.94
C ALA F 55 -8.33 -4.29 -20.66
N HIS F 56 -8.06 -5.05 -19.61
CA HIS F 56 -8.93 -6.19 -19.31
C HIS F 56 -10.32 -5.68 -18.90
N TYR F 57 -10.38 -4.63 -18.08
CA TYR F 57 -11.66 -4.05 -17.67
C TYR F 57 -12.57 -3.77 -18.85
N ASN F 58 -11.97 -3.61 -20.03
CA ASN F 58 -12.71 -3.32 -21.24
C ASN F 58 -12.64 -4.39 -22.31
N LYS F 59 -12.22 -5.59 -21.94
CA LYS F 59 -12.09 -6.70 -22.89
C LYS F 59 -11.26 -6.32 -24.12
N ARG F 60 -10.24 -5.49 -23.87
CA ARG F 60 -9.30 -5.02 -24.87
C ARG F 60 -8.06 -5.88 -24.76
N SER F 61 -7.48 -6.25 -25.90
CA SER F 61 -6.29 -7.08 -25.89
C SER F 61 -5.03 -6.31 -26.28
N THR F 62 -5.19 -5.07 -26.74
CA THR F 62 -4.01 -4.26 -27.08
C THR F 62 -3.94 -3.03 -26.18
N ILE F 63 -2.73 -2.67 -25.79
CA ILE F 63 -2.50 -1.48 -24.98
C ILE F 63 -1.99 -0.38 -25.92
N THR F 64 -2.83 0.63 -26.14
CA THR F 64 -2.46 1.70 -27.01
C THR F 64 -2.14 2.98 -26.23
N SER F 65 -1.78 4.02 -26.95
CA SER F 65 -1.47 5.29 -26.32
C SER F 65 -2.62 5.73 -25.42
N ARG F 66 -3.85 5.34 -25.78
CA ARG F 66 -5.04 5.72 -25.01
C ARG F 66 -5.08 5.10 -23.59
N GLU F 67 -4.63 3.86 -23.48
CA GLU F 67 -4.62 3.20 -22.19
C GLU F 67 -3.58 3.96 -21.37
N ILE F 68 -2.40 4.16 -21.94
CA ILE F 68 -1.31 4.88 -21.27
C ILE F 68 -1.81 6.21 -20.76
N GLN F 69 -2.54 6.94 -21.61
CA GLN F 69 -3.05 8.24 -21.18
C GLN F 69 -3.94 8.19 -19.93
N THR F 70 -4.93 7.30 -19.87
CA THR F 70 -5.74 7.25 -18.65
C THR F 70 -4.96 6.63 -17.47
N ALA F 71 -4.02 5.73 -17.74
CA ALA F 71 -3.21 5.16 -16.68
C ALA F 71 -2.51 6.33 -15.99
N VAL F 72 -1.94 7.21 -16.81
CA VAL F 72 -1.25 8.40 -16.35
C VAL F 72 -2.18 9.25 -15.50
N ARG F 73 -3.41 9.47 -15.97
CA ARG F 73 -4.39 10.27 -15.24
C ARG F 73 -4.78 9.64 -13.91
N LEU F 74 -4.91 8.32 -13.89
CA LEU F 74 -5.25 7.61 -12.67
C LEU F 74 -4.13 7.60 -11.66
N LEU F 75 -2.89 7.58 -12.14
CA LEU F 75 -1.75 7.53 -11.25
C LEU F 75 -1.08 8.85 -10.85
N LEU F 76 -0.94 9.79 -11.76
CA LEU F 76 -0.28 11.02 -11.41
C LEU F 76 -1.20 12.07 -10.80
N PRO F 77 -0.73 12.74 -9.74
CA PRO F 77 -1.51 13.78 -9.08
C PRO F 77 -1.67 15.03 -9.94
N GLY F 78 -2.70 15.81 -9.63
CA GLY F 78 -3.04 17.06 -10.30
C GLY F 78 -2.21 17.65 -11.41
N GLU F 79 -1.47 18.71 -11.10
CA GLU F 79 -0.65 19.41 -12.11
C GLU F 79 0.35 18.56 -12.91
N LEU F 80 0.91 17.54 -12.27
CA LEU F 80 1.89 16.66 -12.90
C LEU F 80 1.23 15.81 -13.98
N ALA F 81 0.03 15.29 -13.69
CA ALA F 81 -0.72 14.49 -14.64
C ALA F 81 -1.05 15.37 -15.85
N LYS F 82 -1.45 16.61 -15.58
CA LYS F 82 -1.76 17.57 -16.61
C LYS F 82 -0.58 17.74 -17.55
N HIS F 83 0.61 17.95 -17.00
CA HIS F 83 1.80 18.13 -17.84
C HIS F 83 2.26 16.86 -18.59
N ALA F 84 2.24 15.70 -17.94
CA ALA F 84 2.63 14.43 -18.59
C ALA F 84 1.78 14.19 -19.85
N VAL F 85 0.47 14.43 -19.73
CA VAL F 85 -0.45 14.27 -20.85
C VAL F 85 -0.10 15.14 -22.05
N SER F 86 0.20 16.42 -21.80
CA SER F 86 0.62 17.31 -22.90
C SER F 86 1.84 16.69 -23.58
N GLU F 87 2.86 16.38 -22.80
CA GLU F 87 4.07 15.78 -23.33
C GLU F 87 3.77 14.51 -24.10
N GLY F 88 2.98 13.61 -23.51
CA GLY F 88 2.64 12.36 -24.18
C GLY F 88 1.98 12.60 -25.52
N THR F 89 0.86 13.31 -25.52
CA THR F 89 0.16 13.59 -26.76
C THR F 89 1.13 14.23 -27.75
N LYS F 90 1.87 15.24 -27.30
CA LYS F 90 2.86 15.94 -28.10
C LYS F 90 3.74 14.93 -28.84
N ALA F 91 4.40 14.06 -28.09
CA ALA F 91 5.27 13.06 -28.66
C ALA F 91 4.56 12.15 -29.65
N VAL F 92 3.41 11.64 -29.28
CA VAL F 92 2.70 10.77 -30.20
C VAL F 92 2.36 11.45 -31.52
N THR F 93 1.75 12.63 -31.45
CA THR F 93 1.38 13.43 -32.62
C THR F 93 2.62 13.59 -33.53
N LYS F 94 3.75 13.99 -32.95
CA LYS F 94 4.98 14.17 -33.71
C LYS F 94 5.47 12.86 -34.32
N TYR F 95 5.40 11.78 -33.56
CA TYR F 95 5.83 10.48 -34.08
C TYR F 95 5.06 10.06 -35.33
N THR F 96 3.73 10.11 -35.26
CA THR F 96 2.87 9.73 -36.38
C THR F 96 3.01 10.62 -37.60
N SER F 97 3.64 11.78 -37.41
CA SER F 97 3.90 12.76 -38.49
C SER F 97 4.97 12.30 -39.46
N ALA F 98 5.61 11.17 -39.12
CA ALA F 98 6.63 10.57 -39.97
C ALA F 98 5.99 9.69 -41.03
N LYS F 99 6.19 10.05 -42.29
CA LYS F 99 5.64 9.31 -43.42
C LYS F 99 6.56 8.16 -43.84
N LEU G 1 58.20 42.06 49.38
CA LEU G 1 57.03 42.99 49.32
C LEU G 1 56.55 43.47 50.71
N ALA G 2 56.47 44.79 50.85
CA ALA G 2 56.04 45.46 52.09
C ALA G 2 55.20 46.69 51.69
N THR G 3 55.45 47.14 50.46
CA THR G 3 54.83 48.29 49.81
C THR G 3 53.31 48.49 50.02
N LYS G 4 52.84 49.64 49.55
CA LYS G 4 51.45 50.08 49.62
C LYS G 4 50.31 49.08 49.33
N ALA G 5 49.96 48.92 48.04
CA ALA G 5 48.85 48.04 47.65
C ALA G 5 49.15 46.65 47.09
N ALA G 6 48.58 45.65 47.78
CA ALA G 6 48.69 44.22 47.45
C ALA G 6 48.36 43.35 48.68
N ARG G 7 48.49 43.93 49.87
CA ARG G 7 48.24 43.25 51.17
C ARG G 7 47.12 42.19 51.21
N LYS G 8 47.54 40.92 51.30
CA LYS G 8 46.63 39.76 51.33
C LYS G 8 45.26 39.94 50.68
N SER G 9 45.31 40.44 49.44
CA SER G 9 44.14 40.70 48.63
C SER G 9 43.84 39.48 47.74
N ALA G 10 43.53 38.34 48.38
CA ALA G 10 43.21 37.10 47.67
C ALA G 10 41.89 37.19 46.87
N PRO G 11 40.86 37.88 47.42
CA PRO G 11 39.57 38.02 46.72
C PRO G 11 39.50 39.24 45.77
N ALA G 12 40.28 39.21 44.69
CA ALA G 12 40.29 40.29 43.69
C ALA G 12 39.43 39.94 42.47
N THR G 13 39.70 38.80 41.84
CA THR G 13 38.91 38.36 40.69
C THR G 13 37.78 37.44 41.15
N GLY G 14 36.69 38.06 41.59
CA GLY G 14 35.53 37.32 42.07
C GLY G 14 34.52 37.05 40.96
N GLY G 15 34.76 37.64 39.79
CA GLY G 15 33.86 37.46 38.65
C GLY G 15 34.00 36.12 37.94
N VAL G 16 35.07 35.38 38.26
CA VAL G 16 35.32 34.07 37.67
C VAL G 16 34.43 33.03 38.40
N LYS G 17 33.36 32.58 37.75
CA LYS G 17 32.44 31.59 38.34
C LYS G 17 32.83 30.12 38.14
N LYS G 18 32.16 29.22 38.85
CA LYS G 18 32.50 27.81 38.81
C LYS G 18 32.30 26.91 37.56
N PRO G 19 31.17 26.17 37.43
CA PRO G 19 31.08 25.35 36.20
C PRO G 19 30.06 25.81 35.14
N HIS G 20 29.56 24.88 34.33
CA HIS G 20 28.60 25.19 33.27
C HIS G 20 27.65 24.04 32.89
N ARG G 21 26.39 24.37 32.64
CA ARG G 21 25.37 23.37 32.29
C ARG G 21 24.28 23.78 31.33
N TYR G 22 23.97 22.91 30.38
CA TYR G 22 22.87 23.18 29.47
C TYR G 22 21.59 22.63 30.14
N ARG G 23 20.53 23.43 30.08
CA ARG G 23 19.28 23.04 30.71
C ARG G 23 18.68 21.82 30.02
N PRO G 24 18.05 20.93 30.79
CA PRO G 24 17.47 19.75 30.16
C PRO G 24 16.61 20.07 28.95
N GLY G 25 16.99 19.49 27.82
CA GLY G 25 16.23 19.67 26.59
C GLY G 25 16.93 20.46 25.52
N THR G 26 17.89 21.27 25.92
CA THR G 26 18.64 22.10 24.98
C THR G 26 19.47 21.22 24.06
N VAL G 27 20.17 20.27 24.67
CA VAL G 27 21.02 19.36 23.91
C VAL G 27 20.14 18.46 23.03
N ALA G 28 19.02 17.99 23.58
CA ALA G 28 18.07 17.14 22.85
C ALA G 28 17.61 17.78 21.55
N LEU G 29 17.46 19.11 21.55
CA LEU G 29 17.07 19.91 20.38
C LEU G 29 18.23 20.04 19.43
N ARG G 30 19.41 20.26 20.00
CA ARG G 30 20.66 20.38 19.25
C ARG G 30 20.81 19.09 18.40
N GLU G 31 20.60 17.95 19.06
CA GLU G 31 20.70 16.64 18.43
C GLU G 31 19.65 16.45 17.32
N ILE G 32 18.41 16.89 17.56
CA ILE G 32 17.36 16.77 16.57
C ILE G 32 17.81 17.51 15.33
N ARG G 33 18.20 18.77 15.53
CA ARG G 33 18.66 19.61 14.45
C ARG G 33 19.81 18.92 13.74
N ARG G 34 20.70 18.32 14.52
CA ARG G 34 21.85 17.63 13.98
C ARG G 34 21.51 16.46 13.07
N TYR G 35 20.73 15.51 13.57
CA TYR G 35 20.37 14.31 12.81
C TYR G 35 19.41 14.54 11.68
N GLN G 36 18.57 15.56 11.80
CA GLN G 36 17.65 15.88 10.72
C GLN G 36 18.42 16.43 9.50
N LYS G 37 19.62 16.99 9.74
CA LYS G 37 20.48 17.52 8.69
C LYS G 37 21.25 16.39 7.98
N SER G 38 21.64 15.37 8.73
CA SER G 38 22.37 14.27 8.11
C SER G 38 21.52 13.12 7.53
N THR G 39 22.22 12.16 6.92
CA THR G 39 21.59 11.00 6.32
C THR G 39 22.29 9.69 6.65
N GLU G 40 23.43 9.78 7.33
CA GLU G 40 24.24 8.64 7.80
C GLU G 40 23.31 7.71 8.54
N LEU G 41 23.61 6.42 8.61
CA LEU G 41 22.72 5.54 9.37
C LEU G 41 23.06 5.73 10.85
N LEU G 42 22.12 5.32 11.70
CA LEU G 42 22.30 5.49 13.12
C LEU G 42 22.45 4.23 13.98
N ILE G 43 22.33 3.05 13.41
CA ILE G 43 22.51 1.81 14.17
C ILE G 43 23.90 1.30 13.77
N ARG G 44 24.70 0.87 14.75
CA ARG G 44 26.04 0.36 14.44
C ARG G 44 25.93 -0.78 13.45
N LYS G 45 26.62 -0.65 12.33
CA LYS G 45 26.56 -1.64 11.26
C LYS G 45 26.78 -3.10 11.63
N LEU G 46 27.83 -3.40 12.37
CA LEU G 46 28.03 -4.78 12.72
C LEU G 46 26.89 -5.34 13.57
N PRO G 47 26.56 -4.70 14.71
CA PRO G 47 25.47 -5.24 15.53
C PRO G 47 24.21 -5.54 14.73
N PHE G 48 23.86 -4.62 13.81
CA PHE G 48 22.68 -4.80 12.95
C PHE G 48 22.85 -6.02 12.06
N GLN G 49 23.99 -6.12 11.36
CA GLN G 49 24.25 -7.29 10.53
C GLN G 49 24.03 -8.61 11.30
N ARG G 50 24.45 -8.64 12.56
CA ARG G 50 24.29 -9.81 13.43
C ARG G 50 22.83 -10.12 13.76
N LEU G 51 22.05 -9.10 14.09
CA LEU G 51 20.64 -9.30 14.39
C LEU G 51 19.96 -9.90 13.17
N VAL G 52 20.25 -9.33 12.00
CA VAL G 52 19.68 -9.83 10.74
C VAL G 52 20.03 -11.30 10.61
N ARG G 53 21.32 -11.64 10.68
CA ARG G 53 21.73 -13.03 10.56
C ARG G 53 21.06 -13.95 11.58
N GLU G 54 20.89 -13.47 12.80
CA GLU G 54 20.24 -14.27 13.83
C GLU G 54 18.81 -14.61 13.42
N ILE G 55 18.04 -13.59 13.11
CA ILE G 55 16.66 -13.81 12.70
C ILE G 55 16.56 -14.74 11.49
N ALA G 56 17.29 -14.40 10.43
CA ALA G 56 17.29 -15.17 9.20
C ALA G 56 17.58 -16.63 9.46
N GLN G 57 18.65 -16.88 10.21
CA GLN G 57 19.06 -18.21 10.56
C GLN G 57 17.97 -18.96 11.30
N ASP G 58 17.15 -18.23 12.06
CA ASP G 58 16.06 -18.88 12.77
C ASP G 58 14.78 -19.18 11.88
N PHE G 59 14.82 -18.76 10.60
CA PHE G 59 13.74 -19.03 9.64
C PHE G 59 14.28 -20.11 8.68
N LYS G 60 15.56 -19.98 8.34
CA LYS G 60 16.21 -20.95 7.47
C LYS G 60 17.73 -20.93 7.75
N THR G 61 18.28 -22.12 8.04
CA THR G 61 19.71 -22.25 8.34
C THR G 61 20.58 -22.30 7.10
N ASP G 62 21.89 -22.30 7.32
CA ASP G 62 22.84 -22.33 6.21
C ASP G 62 22.46 -21.31 5.14
N LEU G 63 22.56 -20.03 5.48
CA LEU G 63 22.22 -18.95 4.56
C LEU G 63 23.32 -17.93 4.39
N ARG G 64 23.45 -17.37 3.19
CA ARG G 64 24.43 -16.33 2.91
C ARG G 64 23.73 -14.99 2.63
N PHE G 65 24.48 -13.90 2.68
CA PHE G 65 23.93 -12.56 2.46
C PHE G 65 24.86 -11.59 1.71
N GLN G 66 24.36 -10.97 0.63
CA GLN G 66 25.13 -9.96 -0.11
C GLN G 66 25.36 -8.83 0.89
N SER G 67 26.48 -8.13 0.77
CA SER G 67 26.74 -7.04 1.72
C SER G 67 25.58 -6.07 1.59
N SER G 68 25.15 -5.89 0.35
CA SER G 68 24.06 -4.98 0.05
C SER G 68 22.68 -5.45 0.47
N ALA G 69 22.47 -6.75 0.58
CA ALA G 69 21.17 -7.21 1.03
C ALA G 69 21.02 -6.65 2.44
N VAL G 70 22.09 -6.73 3.23
CA VAL G 70 22.06 -6.23 4.61
C VAL G 70 21.89 -4.73 4.67
N MET G 71 22.60 -3.99 3.82
CA MET G 71 22.48 -2.54 3.78
C MET G 71 21.03 -2.20 3.44
N ALA G 72 20.45 -2.88 2.43
CA ALA G 72 19.07 -2.66 2.03
C ALA G 72 18.15 -2.80 3.24
N LEU G 73 18.32 -3.86 4.01
CA LEU G 73 17.52 -4.05 5.21
C LEU G 73 17.74 -2.90 6.19
N GLN G 74 18.98 -2.47 6.40
CA GLN G 74 19.21 -1.39 7.35
C GLN G 74 18.52 -0.12 6.94
N GLU G 75 18.68 0.24 5.68
CA GLU G 75 18.05 1.41 5.11
C GLU G 75 16.55 1.41 5.37
N ALA G 76 15.90 0.31 5.02
CA ALA G 76 14.47 0.16 5.22
C ALA G 76 14.11 0.17 6.68
N SER G 77 14.94 -0.47 7.50
CA SER G 77 14.69 -0.56 8.93
C SER G 77 14.64 0.77 9.65
N GLU G 78 15.65 1.59 9.46
CA GLU G 78 15.69 2.90 10.10
C GLU G 78 14.67 3.86 9.50
N ALA G 79 14.48 3.83 8.17
CA ALA G 79 13.53 4.72 7.52
C ALA G 79 12.18 4.52 8.17
N TYR G 80 11.86 3.25 8.41
CA TYR G 80 10.63 2.84 9.07
C TYR G 80 10.56 3.34 10.53
N LEU G 81 11.60 3.05 11.29
CA LEU G 81 11.68 3.46 12.69
C LEU G 81 11.62 4.96 12.90
N VAL G 82 12.28 5.70 12.03
CA VAL G 82 12.28 7.14 12.12
C VAL G 82 10.85 7.66 11.94
N ALA G 83 10.16 7.20 10.89
CA ALA G 83 8.77 7.62 10.64
C ALA G 83 7.87 7.19 11.80
N LEU G 84 8.08 5.99 12.33
CA LEU G 84 7.29 5.54 13.47
C LEU G 84 7.40 6.57 14.60
N PHE G 85 8.61 7.04 14.86
CA PHE G 85 8.83 8.05 15.90
C PHE G 85 8.10 9.37 15.64
N GLU G 86 8.08 9.83 14.39
CA GLU G 86 7.36 11.05 14.07
C GLU G 86 5.92 10.88 14.54
N ASP G 87 5.28 9.76 14.21
CA ASP G 87 3.88 9.50 14.60
C ASP G 87 3.74 9.43 16.11
N THR G 88 4.58 8.61 16.73
CA THR G 88 4.64 8.42 18.18
C THR G 88 4.68 9.78 18.85
N ASN G 89 5.57 10.63 18.38
CA ASN G 89 5.73 11.98 18.89
C ASN G 89 4.38 12.68 18.90
N LEU G 90 3.71 12.67 17.73
CA LEU G 90 2.39 13.27 17.57
C LEU G 90 1.40 12.71 18.59
N CYS G 91 1.38 11.41 18.81
CA CYS G 91 0.48 10.91 19.83
C CYS G 91 0.78 11.53 21.21
N ALA G 92 2.04 11.48 21.65
CA ALA G 92 2.43 12.04 22.95
C ALA G 92 1.94 13.46 23.05
N ILE G 93 2.20 14.25 22.03
CA ILE G 93 1.78 15.63 22.02
C ILE G 93 0.28 15.75 22.15
N HIS G 94 -0.45 14.80 21.58
CA HIS G 94 -1.91 14.78 21.64
C HIS G 94 -2.40 14.64 23.08
N ALA G 95 -1.66 13.86 23.87
CA ALA G 95 -1.93 13.65 25.29
C ALA G 95 -1.41 14.82 26.10
N LYS G 96 -0.97 15.87 25.40
CA LYS G 96 -0.44 17.06 26.03
C LYS G 96 0.84 16.75 26.81
N ARG G 97 1.60 15.75 26.34
CA ARG G 97 2.88 15.36 26.93
C ARG G 97 3.99 15.74 25.96
N VAL G 98 5.25 15.49 26.33
CA VAL G 98 6.45 15.80 25.52
C VAL G 98 7.33 14.54 25.47
N THR G 99 7.12 13.65 26.44
CA THR G 99 7.84 12.41 26.54
C THR G 99 7.13 11.27 25.82
N ILE G 100 7.71 10.75 24.75
CA ILE G 100 7.03 9.65 24.08
C ILE G 100 7.06 8.43 25.01
N MET G 101 5.99 7.65 25.03
CA MET G 101 5.87 6.45 25.85
C MET G 101 5.38 5.31 24.96
N PRO G 102 5.53 4.05 25.40
CA PRO G 102 5.10 2.86 24.64
C PRO G 102 3.63 3.01 24.20
N LYS G 103 2.83 3.51 25.13
CA LYS G 103 1.41 3.82 24.95
C LYS G 103 1.25 4.58 23.61
N ASP G 104 2.11 5.55 23.34
CA ASP G 104 2.05 6.32 22.09
C ASP G 104 2.42 5.45 20.90
N ILE G 105 3.55 4.74 21.01
CA ILE G 105 4.01 3.84 19.97
C ILE G 105 2.89 2.89 19.57
N GLN G 106 2.24 2.27 20.56
CA GLN G 106 1.15 1.33 20.32
C GLN G 106 -0.08 1.95 19.67
N LEU G 107 -0.38 3.21 20.01
CA LEU G 107 -1.53 3.88 19.42
C LEU G 107 -1.22 4.19 17.97
N ALA G 108 0.02 4.60 17.71
CA ALA G 108 0.44 4.92 16.34
C ALA G 108 0.21 3.72 15.45
N ARG G 109 0.75 2.56 15.85
CA ARG G 109 0.61 1.32 15.10
C ARG G 109 -0.83 0.85 15.01
N ARG G 110 -1.59 0.96 16.10
CA ARG G 110 -3.01 0.56 16.08
C ARG G 110 -3.70 1.32 14.93
N ILE G 111 -3.54 2.63 14.88
CA ILE G 111 -4.18 3.41 13.84
C ILE G 111 -3.64 3.06 12.46
N ARG G 112 -2.32 2.92 12.35
CA ARG G 112 -1.63 2.56 11.10
C ARG G 112 -2.07 1.23 10.51
N GLY G 113 -2.56 0.33 11.36
CA GLY G 113 -3.00 -0.96 10.88
C GLY G 113 -1.91 -2.02 10.91
N GLU G 114 -1.18 -2.10 12.03
CA GLU G 114 -0.11 -3.08 12.22
C GLU G 114 -0.41 -3.98 13.41
N ARG G 115 -1.40 -3.57 14.20
CA ARG G 115 -1.81 -4.32 15.38
C ARG G 115 -3.09 -3.62 15.86
N ALA G 116 -3.97 -3.31 14.88
CA ALA G 116 -5.23 -2.60 15.09
C ALA G 116 -6.40 -3.33 15.78
N LYS H 1 36.93 -29.14 15.28
CA LYS H 1 35.56 -28.64 14.97
C LYS H 1 35.58 -27.78 13.70
N ARG H 2 34.49 -27.85 12.92
CA ARG H 2 34.38 -27.09 11.68
C ARG H 2 34.32 -25.60 11.93
N HIS H 3 33.12 -25.08 12.10
CA HIS H 3 32.94 -23.65 12.32
C HIS H 3 31.73 -23.40 13.21
N ARG H 4 31.18 -22.20 13.06
CA ARG H 4 29.98 -21.71 13.72
C ARG H 4 30.04 -21.27 15.19
N LYS H 5 29.56 -20.06 15.41
CA LYS H 5 29.43 -19.45 16.74
C LYS H 5 27.91 -19.29 16.89
N VAL H 6 27.39 -19.46 18.10
CA VAL H 6 25.95 -19.32 18.30
C VAL H 6 25.57 -17.87 18.38
N LEU H 7 24.54 -17.52 17.61
CA LEU H 7 24.05 -16.17 17.58
C LEU H 7 22.85 -16.10 18.49
N ARG H 8 22.94 -15.24 19.51
CA ARG H 8 21.83 -15.06 20.43
C ARG H 8 21.83 -13.73 21.10
N ASP H 9 20.63 -13.22 21.37
CA ASP H 9 20.42 -11.94 22.02
C ASP H 9 20.99 -10.75 21.28
N ASN H 10 21.19 -10.87 19.98
CA ASN H 10 21.73 -9.77 19.21
C ASN H 10 20.77 -8.60 19.13
N ILE H 11 19.55 -8.78 19.62
CA ILE H 11 18.58 -7.72 19.61
C ILE H 11 19.13 -6.59 20.49
N GLN H 12 20.03 -6.90 21.42
CA GLN H 12 20.58 -5.87 22.30
C GLN H 12 21.64 -5.00 21.63
N GLY H 13 21.96 -5.32 20.37
CA GLY H 13 22.92 -4.55 19.58
C GLY H 13 22.25 -3.24 19.17
N ILE H 14 20.95 -3.20 19.43
CA ILE H 14 20.16 -2.04 19.15
C ILE H 14 20.31 -1.32 20.47
N THR H 15 21.38 -0.55 20.54
CA THR H 15 21.74 0.20 21.72
C THR H 15 20.80 1.35 22.07
N LYS H 16 20.74 1.64 23.37
CA LYS H 16 19.94 2.75 23.89
C LYS H 16 20.29 4.01 23.05
N PRO H 17 21.61 4.37 22.91
CA PRO H 17 21.97 5.54 22.12
C PRO H 17 21.59 5.44 20.64
N ALA H 18 21.67 4.27 20.04
CA ALA H 18 21.28 4.17 18.64
C ALA H 18 19.79 4.49 18.48
N ILE H 19 18.96 3.93 19.35
CA ILE H 19 17.51 4.20 19.32
C ILE H 19 17.22 5.69 19.62
N ARG H 20 17.98 6.27 20.56
CA ARG H 20 17.79 7.68 20.91
C ARG H 20 18.10 8.56 19.70
N ARG H 21 19.08 8.14 18.90
CA ARG H 21 19.43 8.87 17.70
C ARG H 21 18.27 8.83 16.72
N LEU H 22 17.74 7.62 16.49
CA LEU H 22 16.60 7.44 15.59
C LEU H 22 15.43 8.37 15.95
N ALA H 23 15.09 8.43 17.24
CA ALA H 23 14.03 9.30 17.76
C ALA H 23 14.28 10.77 17.42
N ARG H 24 15.52 11.20 17.59
CA ARG H 24 15.94 12.56 17.29
C ARG H 24 15.67 12.93 15.84
N ARG H 25 16.06 12.07 14.91
CA ARG H 25 15.82 12.33 13.50
C ARG H 25 14.32 12.38 13.35
N GLY H 26 13.65 11.52 14.13
CA GLY H 26 12.21 11.47 14.17
C GLY H 26 11.64 12.69 14.87
N GLY H 27 12.49 13.62 15.28
CA GLY H 27 12.04 14.86 15.90
C GLY H 27 11.51 14.76 17.32
N VAL H 28 11.86 13.68 18.00
CA VAL H 28 11.43 13.44 19.37
C VAL H 28 12.39 14.08 20.37
N LYS H 29 11.85 14.96 21.21
CA LYS H 29 12.62 15.68 22.22
C LYS H 29 12.87 14.96 23.56
N ARG H 30 11.87 14.23 24.05
CA ARG H 30 12.01 13.52 25.31
C ARG H 30 11.52 12.08 25.17
N ILE H 31 12.16 11.17 25.92
CA ILE H 31 11.86 9.73 25.86
C ILE H 31 11.70 8.97 27.18
N SER H 32 10.60 8.22 27.33
CA SER H 32 10.35 7.39 28.52
C SER H 32 11.30 6.17 28.59
N GLY H 33 11.76 5.82 29.78
CA GLY H 33 12.67 4.68 29.90
C GLY H 33 12.20 3.35 29.34
N LEU H 34 10.89 3.24 29.09
CA LEU H 34 10.30 2.01 28.56
C LEU H 34 10.26 1.90 27.02
N ILE H 35 10.71 2.96 26.38
CA ILE H 35 10.73 3.04 24.94
C ILE H 35 11.75 2.11 24.31
N TYR H 36 12.89 1.92 24.97
CA TYR H 36 13.95 1.10 24.37
C TYR H 36 13.54 -0.32 24.14
N GLU H 37 12.86 -0.90 25.11
CA GLU H 37 12.42 -2.28 24.91
C GLU H 37 11.28 -2.39 23.91
N GLU H 38 10.34 -1.45 23.92
CA GLU H 38 9.24 -1.43 22.96
C GLU H 38 9.79 -1.40 21.54
N THR H 39 10.68 -0.44 21.30
CA THR H 39 11.30 -0.27 20.01
C THR H 39 11.99 -1.55 19.56
N ARG H 40 12.71 -2.20 20.46
CA ARG H 40 13.35 -3.44 20.08
C ARG H 40 12.28 -4.41 19.56
N GLY H 41 11.23 -4.62 20.35
CA GLY H 41 10.19 -5.51 19.92
C GLY H 41 9.61 -5.16 18.55
N VAL H 42 9.27 -3.90 18.35
CA VAL H 42 8.72 -3.43 17.09
C VAL H 42 9.64 -3.74 15.92
N LEU H 43 10.91 -3.48 16.10
CA LEU H 43 11.89 -3.77 15.08
C LEU H 43 12.02 -5.27 14.82
N LYS H 44 12.09 -6.09 15.87
CA LYS H 44 12.22 -7.53 15.64
C LYS H 44 11.18 -8.01 14.65
N VAL H 45 9.94 -7.59 14.87
CA VAL H 45 8.83 -7.95 14.02
C VAL H 45 8.97 -7.38 12.62
N PHE H 46 9.40 -6.13 12.52
CA PHE H 46 9.54 -5.55 11.22
C PHE H 46 10.49 -6.41 10.43
N LEU H 47 11.61 -6.74 11.04
CA LEU H 47 12.63 -7.55 10.41
C LEU H 47 12.20 -8.96 10.06
N GLU H 48 11.57 -9.66 10.99
CA GLU H 48 11.12 -11.01 10.70
C GLU H 48 10.25 -11.03 9.45
N ASN H 49 9.35 -10.05 9.36
CA ASN H 49 8.45 -10.00 8.22
C ASN H 49 9.21 -9.81 6.91
N VAL H 50 10.08 -8.80 6.82
CA VAL H 50 10.83 -8.59 5.60
C VAL H 50 11.74 -9.77 5.33
N ILE H 51 12.48 -10.22 6.33
CA ILE H 51 13.37 -11.36 6.13
C ILE H 51 12.59 -12.58 5.68
N ARG H 52 11.45 -12.90 6.31
CA ARG H 52 10.66 -14.05 5.88
C ARG H 52 10.36 -14.00 4.39
N ASP H 53 9.74 -12.92 3.95
CA ASP H 53 9.44 -12.83 2.54
C ASP H 53 10.71 -12.93 1.71
N ALA H 54 11.71 -12.13 2.04
CA ALA H 54 12.97 -12.12 1.29
C ALA H 54 13.53 -13.54 1.16
N VAL H 55 13.66 -14.24 2.28
CA VAL H 55 14.15 -15.60 2.27
C VAL H 55 13.21 -16.52 1.50
N THR H 56 11.91 -16.24 1.52
CA THR H 56 10.98 -17.06 0.74
C THR H 56 11.33 -16.87 -0.75
N TYR H 57 11.59 -15.62 -1.15
CA TYR H 57 11.98 -15.32 -2.51
C TYR H 57 13.25 -16.07 -2.91
N THR H 58 14.15 -16.21 -1.93
CA THR H 58 15.41 -16.93 -2.11
C THR H 58 15.21 -18.41 -2.37
N GLU H 59 14.57 -19.08 -1.41
CA GLU H 59 14.30 -20.51 -1.50
C GLU H 59 13.62 -20.80 -2.84
N HIS H 60 12.73 -19.92 -3.28
CA HIS H 60 12.07 -20.15 -4.54
C HIS H 60 13.03 -20.17 -5.74
N ALA H 61 14.06 -19.36 -5.67
CA ALA H 61 15.02 -19.27 -6.75
C ALA H 61 16.07 -20.37 -6.64
N LYS H 62 15.88 -21.28 -5.70
CA LYS H 62 16.80 -22.39 -5.47
C LYS H 62 18.21 -21.89 -5.12
N ARG H 63 18.26 -20.77 -4.41
CA ARG H 63 19.52 -20.17 -3.97
C ARG H 63 19.77 -20.30 -2.47
N LYS H 64 21.02 -20.06 -2.07
CA LYS H 64 21.44 -20.12 -0.68
C LYS H 64 21.93 -18.74 -0.30
N THR H 65 21.85 -17.81 -1.23
CA THR H 65 22.31 -16.46 -1.00
C THR H 65 21.19 -15.43 -1.16
N VAL H 66 20.92 -14.69 -0.10
CA VAL H 66 19.89 -13.66 -0.11
C VAL H 66 20.50 -12.44 -0.80
N THR H 67 19.87 -12.01 -1.89
CA THR H 67 20.32 -10.86 -2.68
C THR H 67 19.61 -9.56 -2.28
N ALA H 68 20.11 -8.44 -2.76
CA ALA H 68 19.45 -7.20 -2.49
C ALA H 68 18.09 -7.30 -3.17
N MET H 69 18.05 -7.93 -4.35
CA MET H 69 16.79 -8.09 -5.08
C MET H 69 15.77 -8.76 -4.22
N ASP H 70 16.19 -9.76 -3.48
CA ASP H 70 15.26 -10.44 -2.59
C ASP H 70 14.65 -9.45 -1.64
N VAL H 71 15.51 -8.74 -0.92
CA VAL H 71 15.08 -7.75 0.06
C VAL H 71 14.17 -6.71 -0.56
N VAL H 72 14.58 -6.21 -1.72
CA VAL H 72 13.82 -5.21 -2.45
C VAL H 72 12.41 -5.70 -2.82
N TYR H 73 12.29 -6.94 -3.26
CA TYR H 73 11.00 -7.52 -3.59
C TYR H 73 10.21 -7.75 -2.33
N ALA H 74 10.86 -8.27 -1.28
CA ALA H 74 10.15 -8.51 -0.03
C ALA H 74 9.55 -7.19 0.48
N LEU H 75 10.31 -6.10 0.36
CA LEU H 75 9.82 -4.79 0.77
C LEU H 75 8.68 -4.24 -0.10
N LYS H 76 8.69 -4.46 -1.42
CA LYS H 76 7.59 -3.97 -2.24
C LYS H 76 6.26 -4.68 -1.82
N ARG H 77 6.34 -5.97 -1.46
CA ARG H 77 5.21 -6.75 -0.96
C ARG H 77 4.58 -6.07 0.24
N GLN H 78 5.39 -5.83 1.28
CA GLN H 78 4.99 -5.12 2.51
C GLN H 78 4.55 -3.65 2.29
N GLY H 79 4.70 -3.15 1.07
CA GLY H 79 4.32 -1.77 0.79
C GLY H 79 5.38 -0.79 1.27
N ARG H 80 6.64 -1.19 1.28
CA ARG H 80 7.71 -0.33 1.76
C ARG H 80 8.79 -0.01 0.72
N THR H 81 8.41 -0.04 -0.56
CA THR H 81 9.26 0.25 -1.72
C THR H 81 10.53 1.02 -1.44
N LEU H 82 11.66 0.40 -1.77
CA LEU H 82 12.94 1.01 -1.55
C LEU H 82 13.66 1.34 -2.84
N TYR H 83 14.14 2.57 -2.94
CA TYR H 83 14.92 3.00 -4.10
C TYR H 83 16.39 2.99 -3.70
N GLY H 84 17.25 2.68 -4.66
CA GLY H 84 18.66 2.67 -4.39
C GLY H 84 19.42 1.37 -4.43
N PHE H 85 18.73 0.23 -4.55
CA PHE H 85 19.43 -1.06 -4.57
C PHE H 85 19.07 -1.96 -5.75
N GLY H 86 18.96 -1.35 -6.92
CA GLY H 86 18.61 -2.09 -8.10
C GLY H 86 17.13 -2.36 -8.18
N GLY H 87 16.31 -1.30 -8.14
CA GLY H 87 14.88 -1.46 -8.23
C GLY H 87 14.43 -1.73 -9.66
N ALA I 9 -13.06 -42.17 -25.59
CA ALA I 9 -13.11 -42.51 -24.14
C ALA I 9 -14.07 -41.56 -23.41
N LYS I 10 -14.92 -42.12 -22.54
CA LYS I 10 -15.88 -41.29 -21.78
C LYS I 10 -15.18 -40.31 -20.84
N ALA I 11 -15.20 -39.05 -21.26
CA ALA I 11 -14.57 -37.96 -20.54
C ALA I 11 -15.14 -37.63 -19.18
N LYS I 12 -14.24 -37.28 -18.29
CA LYS I 12 -14.60 -36.86 -16.94
C LYS I 12 -13.58 -35.81 -16.55
N THR I 13 -14.05 -34.57 -16.59
CA THR I 13 -13.30 -33.37 -16.28
C THR I 13 -12.09 -33.51 -15.36
N ARG I 14 -11.24 -32.49 -15.42
CA ARG I 14 -10.04 -32.43 -14.61
C ARG I 14 -10.40 -32.34 -13.13
N SER I 15 -11.39 -31.51 -12.81
CA SER I 15 -11.86 -31.34 -11.42
C SER I 15 -12.09 -32.71 -10.79
N SER I 16 -12.80 -33.56 -11.51
CA SER I 16 -13.09 -34.93 -11.09
C SER I 16 -11.81 -35.67 -10.65
N ARG I 17 -10.77 -35.60 -11.50
CA ARG I 17 -9.48 -36.25 -11.24
C ARG I 17 -8.73 -35.71 -10.03
N ALA I 18 -8.72 -34.37 -9.91
CA ALA I 18 -8.06 -33.69 -8.81
C ALA I 18 -8.92 -33.82 -7.56
N GLY I 19 -10.14 -34.30 -7.77
CA GLY I 19 -11.06 -34.54 -6.69
C GLY I 19 -11.60 -33.32 -6.03
N LEU I 20 -11.89 -32.29 -6.82
CA LEU I 20 -12.45 -31.09 -6.24
C LEU I 20 -13.64 -30.56 -6.98
N GLN I 21 -14.40 -29.72 -6.29
CA GLN I 21 -15.62 -29.10 -6.82
C GLN I 21 -15.34 -27.93 -7.75
N PHE I 22 -14.33 -27.15 -7.43
CA PHE I 22 -13.99 -26.00 -8.25
C PHE I 22 -13.52 -26.38 -9.65
N PRO I 23 -13.89 -25.57 -10.66
CA PRO I 23 -13.57 -25.73 -12.08
C PRO I 23 -12.13 -25.48 -12.53
N VAL I 24 -11.37 -26.57 -12.62
CA VAL I 24 -9.98 -26.56 -13.05
C VAL I 24 -9.83 -26.02 -14.48
N GLY I 25 -10.68 -26.51 -15.38
CA GLY I 25 -10.63 -26.08 -16.77
C GLY I 25 -10.81 -24.58 -16.89
N ARG I 26 -11.54 -24.01 -15.93
CA ARG I 26 -11.78 -22.57 -15.92
C ARG I 26 -10.61 -21.79 -15.33
N VAL I 27 -10.12 -22.22 -14.18
CA VAL I 27 -8.99 -21.53 -13.56
C VAL I 27 -7.85 -21.50 -14.58
N HIS I 28 -7.72 -22.57 -15.36
CA HIS I 28 -6.70 -22.63 -16.41
C HIS I 28 -6.93 -21.56 -17.50
N ARG I 29 -8.15 -21.54 -18.05
CA ARG I 29 -8.51 -20.59 -19.08
C ARG I 29 -8.32 -19.15 -18.61
N LEU I 30 -8.62 -18.92 -17.33
CA LEU I 30 -8.47 -17.60 -16.72
C LEU I 30 -7.02 -17.20 -16.60
N LEU I 31 -6.18 -18.08 -16.08
CA LEU I 31 -4.75 -17.79 -15.96
C LEU I 31 -4.05 -17.45 -17.29
N ARG I 32 -4.36 -18.20 -18.35
CA ARG I 32 -3.77 -17.94 -19.67
C ARG I 32 -4.14 -16.52 -20.08
N LYS I 33 -5.45 -16.32 -20.19
CA LYS I 33 -6.02 -15.05 -20.61
C LYS I 33 -5.89 -13.94 -19.57
N GLY I 34 -5.13 -14.22 -18.52
CA GLY I 34 -4.94 -13.23 -17.47
C GLY I 34 -3.72 -12.36 -17.73
N ASN I 35 -2.85 -12.79 -18.64
CA ASN I 35 -1.63 -12.06 -18.96
C ASN I 35 -0.74 -12.02 -17.73
N TYR I 36 -0.56 -13.20 -17.15
CA TYR I 36 0.28 -13.35 -15.97
C TYR I 36 1.65 -13.88 -16.40
N ALA I 37 1.61 -14.66 -17.50
CA ALA I 37 2.78 -15.28 -18.07
C ALA I 37 2.57 -15.75 -19.52
N GLU I 38 3.65 -16.29 -20.11
CA GLU I 38 3.64 -16.77 -21.49
C GLU I 38 2.93 -18.10 -21.53
N ARG I 39 3.40 -19.03 -20.71
CA ARG I 39 2.85 -20.37 -20.65
C ARG I 39 2.39 -20.69 -19.24
N VAL I 40 1.56 -21.72 -19.12
CA VAL I 40 1.01 -22.14 -17.84
C VAL I 40 1.03 -23.66 -17.72
N GLY I 41 1.64 -24.12 -16.64
CA GLY I 41 1.74 -25.54 -16.38
C GLY I 41 0.41 -26.23 -16.17
N ALA I 42 0.41 -27.52 -16.46
CA ALA I 42 -0.78 -28.34 -16.31
C ALA I 42 -1.29 -28.35 -14.87
N GLY I 43 -0.37 -28.29 -13.92
CA GLY I 43 -0.74 -28.35 -12.52
C GLY I 43 -1.11 -27.06 -11.83
N ALA I 44 -0.67 -25.92 -12.34
CA ALA I 44 -0.95 -24.64 -11.73
C ALA I 44 -2.42 -24.42 -11.50
N PRO I 45 -3.26 -24.53 -12.54
CA PRO I 45 -4.71 -24.33 -12.33
C PRO I 45 -5.28 -25.33 -11.35
N VAL I 46 -4.73 -26.53 -11.33
CA VAL I 46 -5.21 -27.55 -10.42
C VAL I 46 -4.90 -27.13 -8.98
N TYR I 47 -3.65 -26.75 -8.77
CA TYR I 47 -3.15 -26.30 -7.48
C TYR I 47 -3.97 -25.11 -6.98
N LEU I 48 -4.09 -24.12 -7.84
CA LEU I 48 -4.82 -22.92 -7.54
C LEU I 48 -6.27 -23.22 -7.21
N ALA I 49 -6.92 -24.09 -7.99
CA ALA I 49 -8.31 -24.47 -7.80
C ALA I 49 -8.52 -25.05 -6.40
N ALA I 50 -7.60 -25.95 -6.02
CA ALA I 50 -7.61 -26.59 -4.70
C ALA I 50 -7.60 -25.53 -3.63
N VAL I 51 -6.71 -24.55 -3.76
CA VAL I 51 -6.58 -23.44 -2.82
C VAL I 51 -7.84 -22.56 -2.70
N LEU I 52 -8.40 -22.15 -3.84
CA LEU I 52 -9.61 -21.33 -3.88
C LEU I 52 -10.74 -22.03 -3.18
N GLU I 53 -10.95 -23.29 -3.57
CA GLU I 53 -11.98 -24.10 -2.99
C GLU I 53 -11.78 -24.20 -1.49
N TYR I 54 -10.57 -24.60 -1.06
CA TYR I 54 -10.27 -24.71 0.37
C TYR I 54 -10.62 -23.47 1.17
N LEU I 55 -10.16 -22.30 0.73
CA LEU I 55 -10.48 -21.08 1.45
C LEU I 55 -11.99 -20.79 1.42
N THR I 56 -12.63 -21.11 0.30
CA THR I 56 -14.08 -20.93 0.20
C THR I 56 -14.77 -21.74 1.30
N ALA I 57 -14.33 -22.98 1.49
CA ALA I 57 -14.87 -23.84 2.54
C ALA I 57 -14.61 -23.22 3.90
N GLU I 58 -13.41 -22.70 4.10
CA GLU I 58 -13.04 -22.08 5.38
C GLU I 58 -14.06 -21.03 5.74
N ILE I 59 -14.24 -20.03 4.90
CA ILE I 59 -15.24 -19.00 5.18
C ILE I 59 -16.64 -19.55 5.37
N LEU I 60 -17.13 -20.38 4.43
CA LEU I 60 -18.49 -20.93 4.55
C LEU I 60 -18.70 -21.68 5.84
N GLU I 61 -17.69 -22.43 6.26
CA GLU I 61 -17.72 -23.15 7.52
C GLU I 61 -18.08 -22.13 8.60
N LEU I 62 -17.15 -21.20 8.80
CA LEU I 62 -17.29 -20.17 9.80
C LEU I 62 -18.56 -19.36 9.78
N ALA I 63 -19.01 -18.96 8.59
CA ALA I 63 -20.25 -18.19 8.43
C ALA I 63 -21.47 -19.08 8.67
N GLY I 64 -21.37 -20.35 8.26
CA GLY I 64 -22.45 -21.31 8.47
C GLY I 64 -22.70 -21.35 9.96
N ASN I 65 -21.59 -21.43 10.72
CA ASN I 65 -21.64 -21.43 12.19
C ASN I 65 -22.30 -20.15 12.74
N ALA I 66 -21.88 -19.00 12.25
CA ALA I 66 -22.48 -17.74 12.67
C ALA I 66 -24.00 -17.78 12.52
N ALA I 67 -24.49 -18.27 11.38
CA ALA I 67 -25.93 -18.37 11.13
C ALA I 67 -26.58 -19.17 12.24
N ARG I 68 -26.10 -20.39 12.45
CA ARG I 68 -26.60 -21.27 13.49
C ARG I 68 -26.66 -20.54 14.86
N ASP I 69 -25.65 -19.73 15.16
CA ASP I 69 -25.59 -18.98 16.41
C ASP I 69 -26.71 -17.95 16.50
N ASN I 70 -27.01 -17.30 15.39
CA ASN I 70 -28.10 -16.33 15.37
C ASN I 70 -29.42 -17.05 15.16
N LYS I 71 -29.36 -18.38 15.17
CA LYS I 71 -30.53 -19.24 14.97
C LYS I 71 -31.12 -18.94 13.59
N LYS I 72 -30.30 -19.09 12.55
CA LYS I 72 -30.72 -18.84 11.16
C LYS I 72 -30.22 -19.92 10.17
N THR I 73 -31.03 -20.19 9.15
CA THR I 73 -30.72 -21.18 8.12
C THR I 73 -29.86 -20.60 6.98
N ARG I 74 -30.29 -19.46 6.45
CA ARG I 74 -29.62 -18.79 5.34
C ARG I 74 -28.59 -17.75 5.75
N ILE I 75 -27.37 -18.00 5.26
CA ILE I 75 -26.17 -17.18 5.47
C ILE I 75 -26.29 -15.86 4.72
N ILE I 76 -26.10 -14.77 5.44
CA ILE I 76 -26.16 -13.44 4.83
C ILE I 76 -24.84 -12.72 5.05
N PRO I 77 -24.65 -11.58 4.38
CA PRO I 77 -23.42 -10.82 4.53
C PRO I 77 -22.91 -10.67 5.98
N ARG I 78 -23.80 -10.31 6.92
CA ARG I 78 -23.43 -10.15 8.34
C ARG I 78 -22.74 -11.40 8.89
N HIS I 79 -23.17 -12.54 8.38
CA HIS I 79 -22.62 -13.79 8.82
C HIS I 79 -21.20 -13.93 8.35
N LEU I 80 -20.98 -13.62 7.07
CA LEU I 80 -19.64 -13.67 6.48
C LEU I 80 -18.68 -12.73 7.23
N GLN I 81 -19.15 -11.52 7.57
CA GLN I 81 -18.39 -10.52 8.32
C GLN I 81 -18.05 -11.00 9.71
N LEU I 82 -19.05 -11.43 10.48
CA LEU I 82 -18.82 -11.96 11.81
C LEU I 82 -17.80 -13.08 11.71
N ALA I 83 -17.99 -14.00 10.79
CA ALA I 83 -17.06 -15.12 10.61
C ALA I 83 -15.60 -14.64 10.43
N VAL I 84 -15.43 -13.71 9.49
CA VAL I 84 -14.13 -13.13 9.12
C VAL I 84 -13.42 -12.29 10.17
N ARG I 85 -14.06 -11.25 10.68
CA ARG I 85 -13.38 -10.41 11.65
C ARG I 85 -13.20 -11.11 13.02
N ASN I 86 -13.82 -12.26 13.15
CA ASN I 86 -13.70 -13.04 14.36
C ASN I 86 -12.61 -14.10 14.33
N ASP I 87 -11.93 -14.21 13.18
CA ASP I 87 -10.84 -15.18 12.98
C ASP I 87 -9.57 -14.38 12.68
N GLU I 88 -8.56 -14.52 13.54
CA GLU I 88 -7.32 -13.78 13.35
C GLU I 88 -6.79 -13.84 11.91
N GLU I 89 -6.65 -15.03 11.35
CA GLU I 89 -6.09 -15.18 10.00
C GLU I 89 -6.92 -14.70 8.82
N LEU I 90 -8.18 -15.07 8.75
CA LEU I 90 -9.05 -14.59 7.65
C LEU I 90 -9.17 -13.07 7.71
N ASN I 91 -9.18 -12.51 8.92
CA ASN I 91 -9.27 -11.06 9.11
C ASN I 91 -8.04 -10.34 8.55
N LYS I 92 -6.86 -10.89 8.80
CA LYS I 92 -5.64 -10.32 8.27
C LYS I 92 -5.73 -10.43 6.75
N LEU I 93 -6.06 -11.62 6.24
CA LEU I 93 -6.16 -11.82 4.80
C LEU I 93 -7.11 -10.87 4.13
N LEU I 94 -8.05 -10.33 4.89
CA LEU I 94 -9.03 -9.41 4.33
C LEU I 94 -9.03 -8.02 4.99
N GLY I 95 -7.90 -7.66 5.56
CA GLY I 95 -7.78 -6.39 6.23
C GLY I 95 -8.09 -5.15 5.42
N ARG I 96 -7.89 -5.17 4.10
CA ARG I 96 -8.18 -3.97 3.34
C ARG I 96 -9.42 -4.23 2.50
N VAL I 97 -10.20 -5.19 2.96
CA VAL I 97 -11.43 -5.57 2.29
C VAL I 97 -12.66 -5.30 3.14
N THR I 98 -13.61 -4.57 2.55
CA THR I 98 -14.86 -4.27 3.22
C THR I 98 -16.04 -5.02 2.60
N ILE I 99 -16.71 -5.79 3.44
CA ILE I 99 -17.84 -6.61 3.04
C ILE I 99 -19.14 -5.82 3.14
N ALA I 100 -19.76 -5.56 1.99
CA ALA I 100 -21.01 -4.82 1.97
C ALA I 100 -22.07 -5.51 2.83
N GLN I 101 -22.89 -4.68 3.46
CA GLN I 101 -23.97 -5.12 4.35
C GLN I 101 -23.50 -6.06 5.46
N GLY I 102 -22.26 -5.88 5.91
CA GLY I 102 -21.70 -6.70 6.99
C GLY I 102 -21.69 -6.02 8.36
N GLY I 103 -21.70 -4.69 8.40
CA GLY I 103 -21.70 -3.97 9.67
C GLY I 103 -20.44 -4.22 10.46
N VAL I 104 -20.44 -3.89 11.75
CA VAL I 104 -19.25 -4.10 12.58
C VAL I 104 -19.51 -5.11 13.69
N LEU I 105 -18.45 -5.46 14.40
CA LEU I 105 -18.50 -6.39 15.52
C LEU I 105 -18.82 -5.64 16.79
N PRO I 106 -19.74 -6.17 17.62
CA PRO I 106 -20.02 -5.46 18.86
C PRO I 106 -18.72 -5.34 19.69
N ASN I 107 -18.44 -4.11 20.09
CA ASN I 107 -17.25 -3.75 20.85
C ASN I 107 -17.36 -2.31 21.38
N ILE I 108 -17.32 -2.16 22.72
CA ILE I 108 -17.37 -0.83 23.36
C ILE I 108 -16.20 -0.63 24.30
N GLN I 109 -15.41 0.41 24.04
CA GLN I 109 -14.25 0.72 24.86
C GLN I 109 -14.67 0.77 26.32
N SER I 110 -14.05 -0.08 27.14
CA SER I 110 -14.36 -0.19 28.56
C SER I 110 -14.40 1.14 29.33
N VAL I 111 -13.56 2.09 28.95
CA VAL I 111 -13.51 3.39 29.63
C VAL I 111 -14.85 4.10 29.50
N LEU I 112 -15.65 3.63 28.55
CA LEU I 112 -16.97 4.18 28.26
C LEU I 112 -18.16 3.52 28.95
N LEU I 113 -17.95 2.38 29.60
CA LEU I 113 -19.06 1.70 30.27
C LEU I 113 -19.50 2.44 31.52
N PRO I 114 -20.76 2.23 31.96
CA PRO I 114 -21.28 2.89 33.17
C PRO I 114 -20.38 2.69 34.39
N LYS I 115 -20.33 3.70 35.25
CA LYS I 115 -19.50 3.74 36.46
C LYS I 115 -19.83 2.82 37.63
N LYS I 116 -21.03 2.25 37.65
CA LYS I 116 -21.45 1.34 38.72
C LYS I 116 -22.36 0.22 38.24
N LYS J 1 -37.27 -16.52 -32.35
CA LYS J 1 -36.04 -15.98 -32.99
C LYS J 1 -35.08 -15.28 -32.02
N LYS J 2 -35.43 -14.04 -31.61
CA LYS J 2 -34.62 -13.23 -30.67
C LYS J 2 -33.15 -13.02 -31.05
N ARG J 3 -32.26 -13.83 -30.46
CA ARG J 3 -30.81 -13.77 -30.70
C ARG J 3 -30.13 -12.59 -29.98
N ARG J 4 -29.59 -12.89 -28.78
CA ARG J 4 -28.90 -11.92 -27.91
C ARG J 4 -28.44 -12.73 -26.67
N LYS J 5 -27.15 -12.71 -26.34
CA LYS J 5 -26.67 -13.52 -25.20
C LYS J 5 -26.00 -12.82 -24.01
N THR J 6 -24.79 -12.28 -24.21
CA THR J 6 -23.98 -11.60 -23.17
C THR J 6 -23.08 -12.64 -22.53
N ARG J 7 -23.64 -13.33 -21.53
CA ARG J 7 -22.99 -14.36 -20.72
C ARG J 7 -22.19 -13.81 -19.56
N LYS J 8 -22.39 -14.40 -18.39
CA LYS J 8 -21.72 -13.95 -17.20
C LYS J 8 -21.25 -15.11 -16.32
N GLU J 9 -20.01 -15.56 -16.53
CA GLU J 9 -19.48 -16.63 -15.69
C GLU J 9 -19.37 -16.10 -14.26
N SER J 10 -19.50 -17.02 -13.31
CA SER J 10 -19.47 -16.68 -11.89
C SER J 10 -19.14 -17.92 -11.11
N TYR J 11 -18.47 -17.76 -9.97
CA TYR J 11 -18.10 -18.90 -9.14
C TYR J 11 -19.26 -19.49 -8.29
N ALA J 12 -20.44 -18.89 -8.41
CA ALA J 12 -21.62 -19.29 -7.64
C ALA J 12 -21.97 -20.78 -7.47
N ILE J 13 -22.10 -21.57 -8.53
CA ILE J 13 -22.46 -22.97 -8.31
C ILE J 13 -21.42 -23.81 -7.57
N TYR J 14 -20.14 -23.46 -7.71
CA TYR J 14 -19.06 -24.19 -7.06
C TYR J 14 -19.10 -23.78 -5.61
N VAL J 15 -19.39 -22.51 -5.36
CA VAL J 15 -19.52 -22.01 -3.99
C VAL J 15 -20.64 -22.82 -3.36
N TYR J 16 -21.83 -22.77 -3.97
CA TYR J 16 -22.98 -23.51 -3.48
C TYR J 16 -22.60 -24.96 -3.19
N LYS J 17 -22.03 -25.67 -4.16
CA LYS J 17 -21.63 -27.06 -3.93
C LYS J 17 -20.82 -27.21 -2.64
N VAL J 18 -19.88 -26.31 -2.42
CA VAL J 18 -19.03 -26.35 -1.22
C VAL J 18 -19.85 -26.12 0.05
N LEU J 19 -20.79 -25.19 0.01
CA LEU J 19 -21.66 -24.91 1.15
C LEU J 19 -22.37 -26.19 1.58
N LYS J 20 -22.95 -26.88 0.60
CA LYS J 20 -23.66 -28.12 0.83
C LYS J 20 -22.81 -29.27 1.35
N GLN J 21 -21.50 -29.11 1.26
CA GLN J 21 -20.55 -30.11 1.76
C GLN J 21 -20.21 -29.84 3.25
N VAL J 22 -20.09 -28.57 3.61
CA VAL J 22 -19.78 -28.20 4.98
C VAL J 22 -21.01 -28.21 5.85
N HIS J 23 -22.03 -27.49 5.39
CA HIS J 23 -23.31 -27.35 6.08
C HIS J 23 -24.36 -27.67 5.03
N PRO J 24 -24.66 -28.97 4.87
CA PRO J 24 -25.62 -29.45 3.89
C PRO J 24 -26.99 -28.82 4.02
N ASP J 25 -27.34 -28.44 5.24
CA ASP J 25 -28.65 -27.85 5.51
C ASP J 25 -28.69 -26.31 5.65
N THR J 26 -27.62 -25.63 5.25
CA THR J 26 -27.53 -24.17 5.32
C THR J 26 -27.67 -23.56 3.92
N GLY J 27 -28.55 -22.58 3.76
CA GLY J 27 -28.74 -21.94 2.47
C GLY J 27 -27.89 -20.68 2.37
N ILE J 28 -28.15 -19.82 1.39
CA ILE J 28 -27.34 -18.60 1.25
C ILE J 28 -27.99 -17.44 0.48
N SER J 29 -28.00 -16.28 1.14
CA SER J 29 -28.54 -15.01 0.65
C SER J 29 -27.93 -14.73 -0.71
N SER J 30 -28.68 -14.04 -1.56
CA SER J 30 -28.17 -13.73 -2.87
C SER J 30 -26.99 -12.80 -2.76
N LYS J 31 -27.10 -11.82 -1.86
CA LYS J 31 -26.04 -10.83 -1.63
C LYS J 31 -24.81 -11.48 -1.02
N ALA J 32 -25.05 -12.49 -0.19
CA ALA J 32 -23.98 -13.25 0.43
C ALA J 32 -23.18 -13.93 -0.69
N MET J 33 -23.90 -14.50 -1.65
CA MET J 33 -23.24 -15.17 -2.77
C MET J 33 -22.41 -14.17 -3.60
N SER J 34 -22.91 -12.97 -3.75
CA SER J 34 -22.18 -11.94 -4.49
C SER J 34 -20.82 -11.59 -3.81
N ILE J 35 -20.81 -11.67 -2.49
CA ILE J 35 -19.63 -11.42 -1.70
C ILE J 35 -18.67 -12.57 -1.86
N MET J 36 -19.15 -13.81 -1.71
CA MET J 36 -18.26 -14.96 -1.86
C MET J 36 -17.56 -14.94 -3.22
N ASN J 37 -18.33 -14.70 -4.26
CA ASN J 37 -17.80 -14.65 -5.62
C ASN J 37 -16.65 -13.63 -5.68
N SER J 38 -16.93 -12.38 -5.31
CA SER J 38 -15.93 -11.32 -5.30
C SER J 38 -14.72 -11.84 -4.58
N PHE J 39 -14.95 -12.45 -3.44
CA PHE J 39 -13.89 -12.98 -2.65
C PHE J 39 -12.98 -13.93 -3.43
N VAL J 40 -13.58 -14.90 -4.10
CA VAL J 40 -12.82 -15.86 -4.88
C VAL J 40 -12.07 -15.20 -6.02
N ASN J 41 -12.69 -14.21 -6.65
CA ASN J 41 -12.01 -13.47 -7.71
C ASN J 41 -10.81 -12.77 -7.09
N ASP J 42 -11.03 -12.07 -5.99
CA ASP J 42 -9.98 -11.36 -5.31
C ASP J 42 -8.80 -12.29 -5.03
N VAL J 43 -9.02 -13.34 -4.26
CA VAL J 43 -7.94 -14.25 -3.96
C VAL J 43 -7.32 -14.83 -5.25
N PHE J 44 -8.13 -15.10 -6.27
CA PHE J 44 -7.59 -15.59 -7.52
C PHE J 44 -6.58 -14.58 -8.04
N GLU J 45 -7.02 -13.33 -8.22
CA GLU J 45 -6.19 -12.25 -8.76
C GLU J 45 -4.93 -11.99 -7.96
N ARG J 46 -5.06 -12.01 -6.64
CA ARG J 46 -3.91 -11.77 -5.78
C ARG J 46 -2.86 -12.87 -5.92
N ILE J 47 -3.33 -14.11 -5.91
CA ILE J 47 -2.43 -15.23 -6.05
C ILE J 47 -1.74 -15.27 -7.39
N ALA J 48 -2.51 -15.16 -8.47
CA ALA J 48 -1.95 -15.19 -9.82
C ALA J 48 -0.97 -14.05 -9.97
N GLY J 49 -1.33 -12.87 -9.45
CA GLY J 49 -0.46 -11.72 -9.53
C GLY J 49 0.89 -11.98 -8.87
N GLU J 50 0.90 -12.55 -7.66
CA GLU J 50 2.15 -12.84 -6.98
C GLU J 50 3.00 -13.82 -7.79
N ALA J 51 2.38 -14.91 -8.24
CA ALA J 51 3.04 -15.93 -9.06
C ALA J 51 3.59 -15.36 -10.37
N SER J 52 2.87 -14.39 -10.94
CA SER J 52 3.32 -13.70 -12.13
C SER J 52 4.69 -13.11 -11.78
N ARG J 53 4.72 -12.28 -10.75
CA ARG J 53 5.95 -11.65 -10.30
C ARG J 53 7.05 -12.67 -10.05
N LEU J 54 6.82 -13.69 -9.25
CA LEU J 54 7.85 -14.72 -9.05
C LEU J 54 8.48 -15.13 -10.39
N ALA J 55 7.68 -15.51 -11.38
CA ALA J 55 8.23 -15.90 -12.67
C ALA J 55 9.18 -14.87 -13.30
N HIS J 56 8.78 -13.60 -13.39
CA HIS J 56 9.64 -12.54 -13.96
C HIS J 56 10.97 -12.41 -13.22
N TYR J 57 10.90 -12.41 -11.89
CA TYR J 57 12.08 -12.30 -11.03
C TYR J 57 13.12 -13.32 -11.46
N ASN J 58 12.64 -14.53 -11.70
CA ASN J 58 13.48 -15.62 -12.12
C ASN J 58 13.62 -15.81 -13.61
N LYS J 59 13.21 -14.81 -14.37
CA LYS J 59 13.33 -14.86 -15.83
C LYS J 59 12.75 -16.15 -16.40
N ARG J 60 11.57 -16.56 -15.91
CA ARG J 60 10.90 -17.78 -16.39
C ARG J 60 9.64 -17.46 -17.19
N SER J 61 9.39 -18.25 -18.23
CA SER J 61 8.22 -18.06 -19.09
C SER J 61 6.94 -18.68 -18.58
N THR J 62 7.04 -19.71 -17.73
CA THR J 62 5.84 -20.37 -17.24
C THR J 62 5.56 -20.35 -15.72
N ILE J 63 4.26 -20.22 -15.41
CA ILE J 63 3.75 -20.26 -14.03
C ILE J 63 3.28 -21.70 -13.78
N THR J 64 4.05 -22.43 -12.98
CA THR J 64 3.76 -23.81 -12.66
C THR J 64 3.15 -23.85 -11.26
N SER J 65 2.86 -25.03 -10.76
CA SER J 65 2.28 -25.13 -9.44
C SER J 65 3.30 -24.69 -8.35
N ARG J 66 4.58 -24.65 -8.69
CA ARG J 66 5.59 -24.23 -7.73
C ARG J 66 5.33 -22.76 -7.44
N GLU J 67 5.10 -22.01 -8.52
CA GLU J 67 4.78 -20.60 -8.45
C GLU J 67 3.53 -20.38 -7.61
N ILE J 68 2.52 -21.21 -7.83
CA ILE J 68 1.30 -21.10 -7.03
C ILE J 68 1.64 -21.30 -5.56
N GLN J 69 2.43 -22.33 -5.26
CA GLN J 69 2.80 -22.62 -3.88
C GLN J 69 3.46 -21.47 -3.15
N THR J 70 4.60 -21.02 -3.63
CA THR J 70 5.26 -19.94 -2.95
C THR J 70 4.35 -18.71 -2.95
N ALA J 71 3.66 -18.44 -4.06
CA ALA J 71 2.74 -17.30 -4.11
C ALA J 71 1.81 -17.40 -2.92
N VAL J 72 1.32 -18.61 -2.66
CA VAL J 72 0.42 -18.85 -1.53
C VAL J 72 1.15 -18.58 -0.20
N ARG J 73 2.36 -19.14 -0.05
CA ARG J 73 3.16 -18.98 1.16
C ARG J 73 3.32 -17.53 1.52
N LEU J 74 3.51 -16.71 0.50
CA LEU J 74 3.63 -15.27 0.69
C LEU J 74 2.28 -14.64 1.05
N LEU J 75 1.26 -14.90 0.25
CA LEU J 75 -0.06 -14.31 0.47
C LEU J 75 -0.89 -14.69 1.67
N LEU J 76 -0.85 -15.95 2.08
CA LEU J 76 -1.69 -16.36 3.20
C LEU J 76 -1.08 -16.50 4.60
N PRO J 77 -1.82 -16.05 5.63
CA PRO J 77 -1.35 -16.12 7.02
C PRO J 77 -1.16 -17.53 7.59
N GLY J 78 0.04 -17.72 8.13
CA GLY J 78 0.45 -18.98 8.76
C GLY J 78 -0.37 -20.23 8.56
N GLU J 79 -1.36 -20.47 9.42
CA GLU J 79 -2.16 -21.68 9.30
C GLU J 79 -2.85 -21.79 7.96
N LEU J 80 -3.69 -20.81 7.65
CA LEU J 80 -4.41 -20.74 6.39
C LEU J 80 -3.48 -21.21 5.27
N ALA J 81 -2.25 -20.69 5.27
CA ALA J 81 -1.28 -21.05 4.23
C ALA J 81 -0.82 -22.51 4.33
N LYS J 82 -0.47 -22.93 5.54
CA LYS J 82 -0.02 -24.30 5.79
C LYS J 82 -0.99 -25.29 5.15
N HIS J 83 -2.28 -25.12 5.46
CA HIS J 83 -3.34 -25.98 4.94
C HIS J 83 -3.54 -25.83 3.45
N ALA J 84 -3.58 -24.59 2.98
CA ALA J 84 -3.74 -24.37 1.57
C ALA J 84 -2.61 -25.07 0.77
N VAL J 85 -1.41 -25.14 1.34
CA VAL J 85 -0.30 -25.82 0.66
C VAL J 85 -0.58 -27.31 0.53
N SER J 86 -0.95 -27.95 1.65
CA SER J 86 -1.27 -29.36 1.65
C SER J 86 -2.42 -29.67 0.70
N GLU J 87 -3.52 -28.90 0.79
CA GLU J 87 -4.67 -29.07 -0.12
C GLU J 87 -4.19 -28.99 -1.57
N GLY J 88 -3.36 -27.97 -1.84
CA GLY J 88 -2.81 -27.76 -3.17
C GLY J 88 -2.07 -28.98 -3.64
N THR J 89 -1.04 -29.39 -2.89
CA THR J 89 -0.25 -30.58 -3.23
C THR J 89 -1.13 -31.82 -3.39
N LYS J 90 -2.13 -31.98 -2.51
CA LYS J 90 -3.06 -33.10 -2.58
C LYS J 90 -3.78 -33.17 -3.93
N ALA J 91 -4.36 -32.05 -4.36
CA ALA J 91 -5.05 -31.99 -5.63
C ALA J 91 -4.12 -32.36 -6.78
N VAL J 92 -3.01 -31.66 -6.90
CA VAL J 92 -2.10 -31.98 -8.00
C VAL J 92 -1.65 -33.44 -7.99
N THR J 93 -1.24 -33.94 -6.83
CA THR J 93 -0.82 -35.34 -6.74
C THR J 93 -1.96 -36.26 -7.20
N LYS J 94 -3.14 -36.13 -6.59
CA LYS J 94 -4.29 -36.94 -6.94
C LYS J 94 -4.63 -36.87 -8.45
N TYR J 95 -4.30 -35.76 -9.07
CA TYR J 95 -4.55 -35.58 -10.50
C TYR J 95 -3.60 -36.44 -11.32
N THR J 96 -2.31 -36.36 -11.02
CA THR J 96 -1.30 -37.13 -11.74
C THR J 96 -1.47 -38.61 -11.47
N SER J 97 -1.62 -38.94 -10.18
CA SER J 97 -1.84 -40.30 -9.74
C SER J 97 -3.28 -40.65 -10.11
N ALA J 98 -3.42 -41.17 -11.33
CA ALA J 98 -4.67 -41.60 -11.96
C ALA J 98 -5.11 -40.74 -13.13
N LYS J 99 -5.37 -41.41 -14.26
CA LYS J 99 -5.81 -40.77 -15.48
C LYS J 99 -6.19 -41.90 -16.46
#